data_7WD1
#
_entry.id   7WD1
#
_cell.length_a   92.450
_cell.length_b   92.450
_cell.length_c   218.745
_cell.angle_alpha   90.000
_cell.angle_beta   90.000
_cell.angle_gamma   120.000
#
_symmetry.space_group_name_H-M   'P 32 2 1'
#
loop_
_entity.id
_entity.type
_entity.pdbx_description
1 polymer 'Spike protein S1'
2 polymer R14
3 branched 2-acetamido-2-deoxy-beta-D-glucopyranose-(1-4)-[alpha-L-fucopyranose-(1-6)]2-acetamido-2-deoxy-beta-D-glucopyranose
4 branched alpha-L-fucopyranose-(1-6)-2-acetamido-2-deoxy-beta-D-glucopyranose
5 water water
#
loop_
_entity_poly.entity_id
_entity_poly.type
_entity_poly.pdbx_seq_one_letter_code
_entity_poly.pdbx_strand_id
1 'polypeptide(L)'
;TNLCPFGEVFNATRFASVYAWNRKRISNCVADYSVLYNSASFSTFKCYGVSPTKLNDLCFTNVYADSFVIRGDEVRQIAP
GQTGKIADYNYKLPDDFTGCVIAWNSNNLDSKVGGNYNYLYRLFRKSNLKPFERDISTEIYQAGSTPCNGVEGFNCYFPL
QSYGFQPTNGVGYQPYRVVVLSFELLHAPATVCGPK
;
A,B
2 'polypeptide(L)'
;QVQLQESGGGLVQPGGSLRLSCAVSGFTLDYYAIGWFRQAPGKEREGVSCISSSDGSTSYADSVKGRFTISRDNAKNTVY
LQMNSLKPEDTALYYCAATPATYYSGRYYYQCPAGGMDYWGQGTQVTVSS
;
C,D
#
loop_
_chem_comp.id
_chem_comp.type
_chem_comp.name
_chem_comp.formula
FUC L-saccharide, alpha linking alpha-L-fucopyranose 'C6 H12 O5'
NAG D-saccharide, beta linking 2-acetamido-2-deoxy-beta-D-glucopyranose 'C8 H15 N O6'
#
# COMPACT_ATOMS: atom_id res chain seq x y z
N ASN A 2 -23.16 -7.50 -28.60
CA ASN A 2 -23.43 -6.07 -28.66
C ASN A 2 -22.13 -5.26 -28.60
N LEU A 3 -22.12 -4.14 -29.31
CA LEU A 3 -20.99 -3.22 -29.20
C LEU A 3 -20.91 -2.65 -27.79
N CYS A 4 -19.70 -2.35 -27.36
CA CYS A 4 -19.51 -1.84 -26.01
C CYS A 4 -20.21 -0.49 -25.85
N PRO A 5 -20.82 -0.22 -24.71
CA PRO A 5 -21.54 1.06 -24.49
C PRO A 5 -20.60 2.21 -24.14
N PHE A 6 -19.65 2.49 -25.03
CA PHE A 6 -18.77 3.65 -24.84
C PHE A 6 -19.53 4.97 -24.90
N GLY A 7 -20.67 5.01 -25.60
CA GLY A 7 -21.41 6.25 -25.69
C GLY A 7 -22.10 6.64 -24.40
N GLU A 8 -22.41 5.68 -23.55
CA GLU A 8 -23.02 6.00 -22.26
C GLU A 8 -22.08 6.78 -21.37
N VAL A 9 -20.77 6.48 -21.44
CA VAL A 9 -19.80 7.17 -20.60
C VAL A 9 -19.41 8.51 -21.22
N PHE A 10 -19.02 8.49 -22.50
CA PHE A 10 -18.49 9.71 -23.13
C PHE A 10 -19.57 10.77 -23.33
N ASN A 11 -20.82 10.36 -23.55
CA ASN A 11 -21.87 11.27 -23.97
C ASN A 11 -22.95 11.45 -22.90
N ALA A 12 -22.66 11.09 -21.66
CA ALA A 12 -23.61 11.33 -20.58
C ALA A 12 -23.87 12.83 -20.42
N THR A 13 -25.05 13.18 -19.94
CA THR A 13 -25.41 14.59 -19.81
C THR A 13 -24.65 15.25 -18.66
N ARG A 14 -24.55 14.58 -17.53
CA ARG A 14 -23.88 15.12 -16.36
C ARG A 14 -22.77 14.17 -15.92
N PHE A 15 -21.61 14.76 -15.63
CA PHE A 15 -20.47 14.02 -15.11
C PHE A 15 -20.39 14.18 -13.59
N ALA A 16 -19.70 13.24 -12.96
CA ALA A 16 -19.53 13.30 -11.52
C ALA A 16 -18.43 14.30 -11.16
N SER A 17 -18.50 14.83 -9.93
CA SER A 17 -17.37 15.55 -9.37
C SER A 17 -16.20 14.58 -9.23
N VAL A 18 -14.98 15.13 -9.36
CA VAL A 18 -13.81 14.26 -9.41
C VAL A 18 -13.59 13.53 -8.10
N TYR A 19 -13.92 14.16 -6.97
CA TYR A 19 -13.80 13.47 -5.68
C TYR A 19 -14.76 12.29 -5.58
N ALA A 20 -15.85 12.31 -6.34
CA ALA A 20 -16.78 11.20 -6.40
C ALA A 20 -16.83 10.65 -7.82
N TRP A 21 -15.65 10.36 -8.38
CA TRP A 21 -15.57 9.93 -9.77
C TRP A 21 -16.35 8.65 -10.00
N ASN A 22 -17.02 8.57 -11.14
CA ASN A 22 -17.83 7.41 -11.49
C ASN A 22 -16.98 6.39 -12.24
N ARG A 23 -17.20 5.12 -11.92
CA ARG A 23 -16.52 4.01 -12.59
C ARG A 23 -17.56 3.14 -13.26
N LYS A 24 -17.40 2.93 -14.57
CA LYS A 24 -18.28 2.07 -15.35
C LYS A 24 -17.48 0.85 -15.79
N ARG A 25 -17.91 -0.33 -15.35
CA ARG A 25 -17.31 -1.57 -15.80
C ARG A 25 -17.85 -1.92 -17.18
N ILE A 26 -16.94 -2.15 -18.12
CA ILE A 26 -17.30 -2.48 -19.50
C ILE A 26 -16.76 -3.87 -19.78
N SER A 27 -17.66 -4.82 -19.97
CA SER A 27 -17.30 -6.23 -20.11
C SER A 27 -18.24 -6.90 -21.09
N ASN A 28 -17.76 -7.99 -21.69
CA ASN A 28 -18.55 -8.86 -22.56
C ASN A 28 -19.16 -8.09 -23.72
N CYS A 29 -18.29 -7.52 -24.56
CA CYS A 29 -18.75 -6.73 -25.68
C CYS A 29 -17.61 -6.56 -26.68
N VAL A 30 -17.95 -6.03 -27.85
CA VAL A 30 -16.99 -5.73 -28.91
C VAL A 30 -16.75 -4.22 -28.89
N ALA A 31 -15.49 -3.84 -28.71
CA ALA A 31 -15.11 -2.44 -28.50
C ALA A 31 -14.47 -1.89 -29.77
N ASP A 32 -15.19 -1.02 -30.47
CA ASP A 32 -14.67 -0.31 -31.63
C ASP A 32 -14.01 0.97 -31.14
N TYR A 33 -12.71 0.89 -30.86
CA TYR A 33 -11.97 2.04 -30.36
C TYR A 33 -11.73 3.10 -31.43
N SER A 34 -12.13 2.85 -32.68
CA SER A 34 -11.91 3.83 -33.73
C SER A 34 -12.76 5.07 -33.55
N VAL A 35 -13.98 4.92 -33.00
CA VAL A 35 -14.84 6.07 -32.76
C VAL A 35 -14.18 7.05 -31.81
N LEU A 36 -13.39 6.55 -30.85
CA LEU A 36 -12.79 7.42 -29.85
C LEU A 36 -11.62 8.22 -30.42
N TYR A 37 -10.61 7.53 -30.97
CA TYR A 37 -9.41 8.24 -31.39
C TYR A 37 -9.66 9.09 -32.64
N ASN A 38 -10.56 8.66 -33.52
CA ASN A 38 -10.86 9.40 -34.74
C ASN A 38 -11.97 10.43 -34.55
N SER A 39 -12.16 10.94 -33.33
CA SER A 39 -13.24 11.87 -33.06
C SER A 39 -12.85 13.32 -33.28
N ALA A 40 -11.60 13.68 -32.98
CA ALA A 40 -11.04 15.02 -33.19
C ALA A 40 -11.68 16.06 -32.28
N SER A 41 -12.73 15.70 -31.57
CA SER A 41 -13.34 16.61 -30.59
C SER A 41 -12.65 16.54 -29.23
N PHE A 42 -11.67 15.65 -29.06
CA PHE A 42 -10.96 15.52 -27.80
C PHE A 42 -9.70 16.38 -27.80
N SER A 43 -9.45 17.03 -26.66
CA SER A 43 -8.27 17.86 -26.49
C SER A 43 -7.09 17.11 -25.88
N THR A 44 -7.33 15.98 -25.23
CA THR A 44 -6.28 15.13 -24.68
C THR A 44 -6.63 13.69 -24.96
N PHE A 45 -5.70 12.95 -25.58
CA PHE A 45 -5.86 11.52 -25.82
C PHE A 45 -4.47 10.89 -25.68
N LYS A 46 -4.09 10.62 -24.44
CA LYS A 46 -2.81 10.01 -24.11
C LYS A 46 -3.05 8.61 -23.59
N CYS A 47 -2.32 7.65 -24.14
CA CYS A 47 -2.36 6.27 -23.67
C CYS A 47 -0.99 5.91 -23.10
N TYR A 48 -0.99 4.96 -22.16
CA TYR A 48 0.21 4.60 -21.43
C TYR A 48 0.41 3.09 -21.51
N GLY A 49 1.51 2.68 -22.15
CA GLY A 49 1.81 1.28 -22.31
C GLY A 49 1.12 0.60 -23.47
N VAL A 50 0.20 1.27 -24.15
CA VAL A 50 -0.51 0.72 -25.31
C VAL A 50 -0.70 1.83 -26.32
N SER A 51 -0.79 1.43 -27.61
CA SER A 51 -1.18 2.37 -28.65
C SER A 51 -2.65 2.17 -28.99
N PRO A 52 -3.35 3.25 -29.37
CA PRO A 52 -4.75 3.06 -29.80
C PRO A 52 -4.89 2.13 -30.98
N THR A 53 -3.92 2.16 -31.91
CA THR A 53 -3.95 1.25 -33.04
C THR A 53 -3.80 -0.21 -32.59
N LYS A 54 -2.93 -0.45 -31.60
CA LYS A 54 -2.76 -1.80 -31.08
C LYS A 54 -3.94 -2.24 -30.23
N LEU A 55 -4.79 -1.32 -29.78
CA LEU A 55 -5.92 -1.67 -28.94
C LEU A 55 -7.07 -2.28 -29.74
N ASN A 56 -7.19 -1.93 -31.02
CA ASN A 56 -8.22 -2.53 -31.85
C ASN A 56 -8.05 -4.02 -32.01
N ASP A 57 -6.83 -4.54 -31.85
CA ASP A 57 -6.53 -5.94 -32.05
C ASP A 57 -6.18 -6.68 -30.76
N LEU A 58 -6.45 -6.08 -29.60
CA LEU A 58 -6.15 -6.67 -28.31
C LEU A 58 -7.44 -7.12 -27.61
N CYS A 59 -7.26 -7.99 -26.62
CA CYS A 59 -8.34 -8.46 -25.78
C CYS A 59 -7.99 -8.22 -24.32
N PHE A 60 -9.02 -8.06 -23.49
CA PHE A 60 -8.82 -7.81 -22.07
C PHE A 60 -9.96 -8.45 -21.27
N THR A 61 -9.67 -8.76 -20.01
CA THR A 61 -10.68 -9.32 -19.13
C THR A 61 -11.76 -8.29 -18.83
N ASN A 62 -11.37 -7.13 -18.30
CA ASN A 62 -12.28 -6.04 -18.02
C ASN A 62 -11.68 -4.74 -18.49
N VAL A 63 -12.55 -3.81 -18.90
CA VAL A 63 -12.16 -2.45 -19.24
C VAL A 63 -13.02 -1.51 -18.41
N TYR A 64 -12.37 -0.69 -17.58
CA TYR A 64 -13.07 0.25 -16.72
C TYR A 64 -13.01 1.66 -17.33
N ALA A 65 -14.14 2.36 -17.27
CA ALA A 65 -14.26 3.71 -17.81
C ALA A 65 -14.62 4.65 -16.66
N ASP A 66 -13.60 5.34 -16.13
CA ASP A 66 -13.82 6.33 -15.07
C ASP A 66 -14.00 7.71 -15.67
N SER A 67 -14.95 8.47 -15.14
CA SER A 67 -15.28 9.78 -15.70
C SER A 67 -15.57 10.79 -14.59
N PHE A 68 -15.22 12.04 -14.86
CA PHE A 68 -15.37 13.13 -13.90
C PHE A 68 -15.10 14.46 -14.62
N VAL A 69 -15.24 15.56 -13.87
CA VAL A 69 -14.95 16.90 -14.35
C VAL A 69 -13.86 17.51 -13.47
N ILE A 70 -12.88 18.15 -14.11
CA ILE A 70 -11.84 18.91 -13.43
C ILE A 70 -11.57 20.18 -14.23
N ARG A 71 -10.60 20.97 -13.76
CA ARG A 71 -10.16 22.14 -14.52
C ARG A 71 -9.18 21.72 -15.60
N GLY A 72 -9.10 22.54 -16.65
CA GLY A 72 -8.18 22.24 -17.74
C GLY A 72 -6.74 22.12 -17.29
N ASP A 73 -6.30 23.04 -16.44
CA ASP A 73 -4.91 23.08 -15.92
C ASP A 73 -4.61 21.86 -15.05
N GLU A 74 -5.62 21.09 -14.71
CA GLU A 74 -5.45 19.92 -13.85
C GLU A 74 -5.46 18.60 -14.62
N VAL A 75 -5.78 18.62 -15.92
CA VAL A 75 -5.81 17.39 -16.69
C VAL A 75 -4.46 16.70 -16.68
N ARG A 76 -3.38 17.50 -16.68
CA ARG A 76 -2.03 16.96 -16.58
C ARG A 76 -1.82 16.08 -15.36
N GLN A 77 -2.64 16.26 -14.31
CA GLN A 77 -2.52 15.41 -13.13
C GLN A 77 -3.12 14.03 -13.33
N ILE A 78 -3.94 13.83 -14.37
CA ILE A 78 -4.51 12.51 -14.62
C ILE A 78 -3.51 11.72 -15.46
N ALA A 79 -2.36 11.42 -14.87
CA ALA A 79 -1.28 10.71 -15.53
C ALA A 79 -0.44 10.04 -14.46
N PRO A 80 0.21 8.91 -14.76
CA PRO A 80 1.01 8.23 -13.75
C PRO A 80 2.13 9.12 -13.22
N GLY A 81 2.40 8.99 -11.93
CA GLY A 81 3.49 9.72 -11.29
C GLY A 81 3.29 11.22 -11.20
N GLN A 82 2.07 11.69 -10.95
CA GLN A 82 1.78 13.11 -10.86
C GLN A 82 1.35 13.47 -9.45
N THR A 83 1.61 14.71 -9.06
CA THR A 83 1.23 15.24 -7.76
C THR A 83 0.41 16.52 -7.96
N GLY A 84 -0.26 16.92 -6.89
CA GLY A 84 -1.24 17.99 -6.93
C GLY A 84 -2.53 17.58 -6.24
N LYS A 85 -3.38 18.58 -6.01
CA LYS A 85 -4.61 18.36 -5.26
C LYS A 85 -5.43 17.23 -5.86
N ILE A 86 -5.51 17.16 -7.19
CA ILE A 86 -6.36 16.15 -7.81
C ILE A 86 -5.74 14.76 -7.68
N ALA A 87 -4.46 14.63 -8.01
CA ALA A 87 -3.81 13.32 -7.97
C ALA A 87 -3.64 12.82 -6.54
N ASP A 88 -3.40 13.72 -5.59
CA ASP A 88 -3.20 13.30 -4.21
C ASP A 88 -4.51 13.00 -3.49
N TYR A 89 -5.55 13.80 -3.74
CA TYR A 89 -6.75 13.76 -2.91
C TYR A 89 -8.02 13.32 -3.63
N ASN A 90 -8.00 13.17 -4.95
CA ASN A 90 -9.25 12.96 -5.68
C ASN A 90 -9.23 11.72 -6.56
N TYR A 91 -8.25 11.63 -7.46
CA TYR A 91 -8.17 10.51 -8.41
C TYR A 91 -6.71 10.22 -8.71
N LYS A 92 -6.25 9.02 -8.33
CA LYS A 92 -4.83 8.67 -8.41
C LYS A 92 -4.65 7.53 -9.39
N LEU A 93 -3.80 7.75 -10.40
CA LEU A 93 -3.43 6.69 -11.34
C LEU A 93 -2.16 5.98 -10.86
N PRO A 94 -2.08 4.67 -11.03
CA PRO A 94 -0.89 3.94 -10.62
C PRO A 94 0.28 4.24 -11.55
N ASP A 95 1.50 4.05 -11.01
CA ASP A 95 2.69 4.32 -11.79
C ASP A 95 2.80 3.40 -13.01
N ASP A 96 2.29 2.18 -12.91
CA ASP A 96 2.30 1.21 -14.00
C ASP A 96 0.99 1.21 -14.77
N PHE A 97 0.38 2.39 -14.93
CA PHE A 97 -0.95 2.47 -15.54
C PHE A 97 -0.89 2.03 -16.99
N THR A 98 -1.81 1.13 -17.37
CA THR A 98 -1.99 0.72 -18.75
C THR A 98 -3.40 1.11 -19.18
N GLY A 99 -3.49 2.10 -20.03
CA GLY A 99 -4.77 2.62 -20.46
C GLY A 99 -4.62 3.99 -21.07
N CYS A 100 -5.76 4.62 -21.34
CA CYS A 100 -5.80 5.91 -22.00
C CYS A 100 -6.53 6.94 -21.14
N VAL A 101 -6.11 8.20 -21.27
CA VAL A 101 -6.73 9.33 -20.59
C VAL A 101 -7.27 10.28 -21.66
N ILE A 102 -8.59 10.52 -21.62
CA ILE A 102 -9.29 11.27 -22.65
C ILE A 102 -10.02 12.44 -21.99
N ALA A 103 -9.81 13.65 -22.51
CA ALA A 103 -10.45 14.84 -21.97
C ALA A 103 -10.88 15.77 -23.10
N TRP A 104 -11.97 16.50 -22.87
CA TRP A 104 -12.39 17.54 -23.77
C TRP A 104 -12.94 18.71 -22.97
N ASN A 105 -12.84 19.90 -23.56
CA ASN A 105 -13.38 21.11 -22.95
C ASN A 105 -14.90 21.02 -22.86
N SER A 106 -15.44 21.27 -21.67
CA SER A 106 -16.88 21.24 -21.46
C SER A 106 -17.40 22.59 -20.96
N ASN A 107 -16.67 23.68 -21.24
CA ASN A 107 -17.08 25.00 -20.75
C ASN A 107 -18.52 25.32 -21.14
N ASN A 108 -18.92 24.93 -22.36
CA ASN A 108 -20.27 25.19 -22.82
C ASN A 108 -21.32 24.43 -22.02
N LEU A 109 -20.96 23.31 -21.40
CA LEU A 109 -21.93 22.43 -20.76
C LEU A 109 -21.94 22.52 -19.25
N ASP A 110 -20.82 22.87 -18.63
CA ASP A 110 -20.66 22.77 -17.19
C ASP A 110 -20.41 24.10 -16.51
N SER A 111 -20.39 25.21 -17.25
CA SER A 111 -20.24 26.52 -16.65
C SER A 111 -21.60 27.19 -16.51
N LYS A 112 -21.65 28.14 -15.58
CA LYS A 112 -22.84 28.93 -15.33
C LYS A 112 -22.42 30.36 -15.06
N VAL A 113 -23.22 31.33 -15.53
CA VAL A 113 -23.02 32.70 -15.10
C VAL A 113 -23.27 32.79 -13.61
N GLY A 114 -22.39 33.48 -12.90
CA GLY A 114 -22.41 33.46 -11.46
C GLY A 114 -21.79 32.23 -10.84
N GLY A 115 -21.48 31.20 -11.62
CA GLY A 115 -20.72 30.07 -11.12
C GLY A 115 -21.53 28.79 -10.98
N ASN A 116 -20.94 27.68 -11.45
CA ASN A 116 -21.49 26.36 -11.21
C ASN A 116 -20.81 25.79 -9.97
N TYR A 117 -21.54 25.74 -8.87
CA TYR A 117 -21.01 25.27 -7.59
C TYR A 117 -21.20 23.77 -7.40
N ASN A 118 -21.80 23.07 -8.35
CA ASN A 118 -22.13 21.67 -8.21
C ASN A 118 -20.97 20.74 -8.51
N TYR A 119 -19.88 21.22 -9.09
CA TYR A 119 -18.68 20.42 -9.30
C TYR A 119 -17.67 20.75 -8.21
N LEU A 120 -17.17 19.72 -7.52
CA LEU A 120 -16.30 19.90 -6.37
C LEU A 120 -15.08 19.00 -6.50
N TYR A 121 -14.03 19.37 -5.78
CA TYR A 121 -12.85 18.54 -5.62
C TYR A 121 -12.45 18.60 -4.15
N ARG A 122 -11.82 17.52 -3.68
CA ARG A 122 -11.34 17.47 -2.31
C ARG A 122 -10.07 18.29 -2.20
N LEU A 123 -10.06 19.27 -1.29
CA LEU A 123 -8.91 20.13 -1.09
C LEU A 123 -8.07 19.74 0.12
N PHE A 124 -8.68 19.14 1.13
CA PHE A 124 -8.00 18.69 2.33
C PHE A 124 -8.15 17.19 2.50
N ARG A 125 -7.06 16.53 2.87
CA ARG A 125 -7.10 15.11 3.20
C ARG A 125 -5.84 14.77 3.98
N LYS A 126 -5.95 13.92 4.98
CA LYS A 126 -4.78 13.61 5.83
C LYS A 126 -3.71 12.84 5.05
N SER A 127 -4.14 11.90 4.22
CA SER A 127 -3.17 11.11 3.48
C SER A 127 -3.53 11.08 2.00
N ASN A 128 -2.50 10.89 1.17
CA ASN A 128 -2.72 10.76 -0.26
C ASN A 128 -3.50 9.50 -0.59
N LEU A 129 -4.19 9.52 -1.72
CA LEU A 129 -4.99 8.38 -2.14
C LEU A 129 -4.10 7.27 -2.69
N LYS A 130 -4.65 6.07 -2.54
CA LYS A 130 -3.97 4.93 -3.15
C LYS A 130 -4.55 4.82 -4.56
N PRO A 131 -3.86 4.21 -5.54
CA PRO A 131 -4.36 4.16 -6.91
C PRO A 131 -5.79 3.65 -6.99
N PHE A 132 -6.62 4.39 -7.74
CA PHE A 132 -8.02 4.08 -7.98
C PHE A 132 -8.86 4.09 -6.70
N GLU A 133 -8.38 4.75 -5.65
CA GLU A 133 -9.15 4.87 -4.41
C GLU A 133 -10.11 6.05 -4.49
N ARG A 134 -11.27 5.88 -3.87
CA ARG A 134 -12.29 6.94 -3.85
C ARG A 134 -12.59 7.33 -2.41
N ASP A 135 -12.81 8.61 -2.16
CA ASP A 135 -13.15 9.15 -0.85
C ASP A 135 -14.24 10.18 -1.03
N ILE A 136 -15.45 9.89 -0.55
CA ILE A 136 -16.58 10.80 -0.62
C ILE A 136 -17.00 11.29 0.76
N SER A 137 -16.16 11.10 1.77
CA SER A 137 -16.48 11.58 3.09
C SER A 137 -16.43 13.11 3.13
N THR A 138 -17.11 13.69 4.11
CA THR A 138 -17.17 15.14 4.29
C THR A 138 -16.93 15.51 5.75
N GLU A 139 -16.05 14.79 6.41
CA GLU A 139 -15.69 15.13 7.79
C GLU A 139 -14.92 16.45 7.80
N ILE A 140 -15.16 17.25 8.85
CA ILE A 140 -14.45 18.51 8.98
C ILE A 140 -12.97 18.22 9.19
N TYR A 141 -12.13 18.94 8.45
CA TYR A 141 -10.69 18.74 8.46
C TYR A 141 -10.04 19.72 9.43
N GLN A 142 -9.21 19.19 10.33
CA GLN A 142 -8.46 20.01 11.28
C GLN A 142 -7.09 20.30 10.68
N ALA A 143 -6.85 21.56 10.35
CA ALA A 143 -5.60 21.95 9.71
C ALA A 143 -4.52 22.35 10.70
N GLY A 144 -4.88 22.70 11.94
CA GLY A 144 -3.89 23.08 12.91
C GLY A 144 -3.84 22.14 14.10
N SER A 145 -3.21 22.59 15.19
CA SER A 145 -3.21 21.84 16.44
C SER A 145 -4.39 22.20 17.33
N THR A 146 -5.32 23.04 16.85
CA THR A 146 -6.52 23.40 17.58
C THR A 146 -7.65 22.45 17.21
N PRO A 147 -8.39 21.92 18.19
CA PRO A 147 -9.46 20.97 17.87
C PRO A 147 -10.60 21.64 17.10
N CYS A 148 -11.43 20.80 16.49
CA CYS A 148 -12.48 21.25 15.58
C CYS A 148 -13.83 20.71 16.05
N ASN A 149 -14.62 21.58 16.69
CA ASN A 149 -16.01 21.25 16.97
C ASN A 149 -16.80 21.12 15.66
N GLY A 150 -16.90 22.22 14.91
CA GLY A 150 -17.42 22.20 13.57
C GLY A 150 -16.55 23.04 12.66
N VAL A 151 -17.05 23.41 11.49
CA VAL A 151 -16.31 24.28 10.58
C VAL A 151 -16.05 25.67 11.19
N GLU A 152 -16.70 25.99 12.32
CA GLU A 152 -16.64 27.32 12.92
C GLU A 152 -15.22 27.83 13.16
N GLY A 153 -14.23 26.94 13.23
CA GLY A 153 -12.87 27.39 13.44
C GLY A 153 -12.22 27.96 12.18
N PHE A 154 -11.23 28.83 12.41
CA PHE A 154 -10.45 29.38 11.30
C PHE A 154 -9.54 28.32 10.68
N ASN A 155 -9.24 27.26 11.43
CA ASN A 155 -8.39 26.17 10.98
C ASN A 155 -9.19 24.88 10.81
N CYS A 156 -10.51 24.97 10.75
CA CYS A 156 -11.39 23.83 10.57
C CYS A 156 -12.14 24.02 9.26
N TYR A 157 -11.85 23.15 8.29
CA TYR A 157 -12.32 23.31 6.93
C TYR A 157 -13.28 22.20 6.53
N PHE A 158 -14.37 22.58 5.87
CA PHE A 158 -15.09 21.62 5.06
C PHE A 158 -14.16 21.14 3.96
N PRO A 159 -13.97 19.83 3.79
CA PRO A 159 -12.83 19.35 2.98
C PRO A 159 -13.03 19.47 1.48
N LEU A 160 -14.25 19.63 0.99
CA LEU A 160 -14.46 19.79 -0.44
C LEU A 160 -14.50 21.26 -0.82
N GLN A 161 -14.23 21.52 -2.10
CA GLN A 161 -14.19 22.88 -2.61
C GLN A 161 -14.89 22.94 -3.95
N SER A 162 -15.80 23.90 -4.10
CA SER A 162 -16.49 24.10 -5.37
C SER A 162 -15.57 24.80 -6.37
N TYR A 163 -15.61 24.34 -7.62
CA TYR A 163 -14.88 25.02 -8.67
C TYR A 163 -15.49 26.38 -9.00
N GLY A 164 -16.82 26.47 -8.98
CA GLY A 164 -17.51 27.67 -9.39
C GLY A 164 -17.21 28.02 -10.84
N PHE A 165 -17.44 27.08 -11.75
CA PHE A 165 -17.10 27.27 -13.15
C PHE A 165 -17.92 28.41 -13.76
N GLN A 166 -17.23 29.38 -14.34
CA GLN A 166 -17.87 30.47 -15.06
C GLN A 166 -17.47 30.46 -16.53
N PRO A 167 -18.41 30.74 -17.44
CA PRO A 167 -18.07 30.73 -18.88
C PRO A 167 -16.91 31.64 -19.23
N THR A 168 -16.74 32.73 -18.51
CA THR A 168 -15.70 33.71 -18.79
C THR A 168 -14.37 33.36 -18.13
N ASN A 169 -14.23 32.16 -17.57
CA ASN A 169 -12.95 31.72 -17.05
C ASN A 169 -11.93 31.59 -18.18
N GLY A 170 -10.66 31.80 -17.82
CA GLY A 170 -9.60 31.41 -18.73
C GLY A 170 -9.65 29.92 -19.02
N VAL A 171 -9.16 29.54 -20.20
CA VAL A 171 -9.29 28.16 -20.66
C VAL A 171 -8.74 27.20 -19.61
N GLY A 172 -7.65 27.57 -18.93
CA GLY A 172 -7.10 26.72 -17.91
C GLY A 172 -8.04 26.48 -16.75
N TYR A 173 -8.91 27.44 -16.46
CA TYR A 173 -9.88 27.33 -15.38
C TYR A 173 -11.21 26.73 -15.81
N GLN A 174 -11.45 26.60 -17.11
CA GLN A 174 -12.71 26.09 -17.59
C GLN A 174 -12.85 24.61 -17.26
N PRO A 175 -14.09 24.09 -17.19
CA PRO A 175 -14.26 22.67 -16.87
C PRO A 175 -13.90 21.79 -18.05
N TYR A 176 -13.31 20.65 -17.75
CA TYR A 176 -13.02 19.62 -18.74
C TYR A 176 -13.59 18.30 -18.25
N ARG A 177 -14.24 17.58 -19.16
CA ARG A 177 -14.73 16.25 -18.87
C ARG A 177 -13.66 15.24 -19.24
N VAL A 178 -13.43 14.28 -18.35
CA VAL A 178 -12.33 13.32 -18.49
C VAL A 178 -12.90 11.92 -18.44
N VAL A 179 -12.45 11.07 -19.35
CA VAL A 179 -12.73 9.63 -19.30
C VAL A 179 -11.40 8.90 -19.28
N VAL A 180 -11.20 8.07 -18.26
CA VAL A 180 -9.97 7.30 -18.09
C VAL A 180 -10.28 5.85 -18.39
N LEU A 181 -9.69 5.32 -19.45
CA LEU A 181 -9.89 3.93 -19.85
C LEU A 181 -8.82 3.06 -19.20
N SER A 182 -9.26 2.10 -18.39
CA SER A 182 -8.36 1.23 -17.65
C SER A 182 -8.48 -0.18 -18.21
N PHE A 183 -7.39 -0.72 -18.74
CA PHE A 183 -7.37 -2.01 -19.41
C PHE A 183 -6.79 -3.06 -18.47
N GLU A 184 -7.62 -4.04 -18.11
CA GLU A 184 -7.25 -5.08 -17.14
C GLU A 184 -7.19 -6.43 -17.84
N LEU A 185 -6.08 -7.15 -17.65
CA LEU A 185 -5.88 -8.47 -18.25
C LEU A 185 -5.55 -9.45 -17.12
N LEU A 186 -6.59 -10.03 -16.53
CA LEU A 186 -6.44 -11.01 -15.46
C LEU A 186 -6.36 -12.42 -16.04
N HIS A 187 -5.80 -13.33 -15.24
CA HIS A 187 -5.75 -14.75 -15.60
C HIS A 187 -7.16 -15.32 -15.43
N ALA A 188 -7.99 -15.04 -16.42
CA ALA A 188 -9.42 -15.33 -16.42
C ALA A 188 -9.92 -15.20 -17.87
N PRO A 189 -11.15 -15.62 -18.18
CA PRO A 189 -11.63 -15.46 -19.57
C PRO A 189 -11.66 -14.01 -20.00
N ALA A 190 -11.18 -13.76 -21.22
CA ALA A 190 -11.11 -12.42 -21.78
C ALA A 190 -12.45 -12.06 -22.42
N THR A 191 -13.17 -11.12 -21.79
CA THR A 191 -14.52 -10.78 -22.21
C THR A 191 -14.61 -9.60 -23.16
N VAL A 192 -13.57 -8.77 -23.24
CA VAL A 192 -13.57 -7.57 -24.08
C VAL A 192 -12.49 -7.72 -25.14
N CYS A 193 -12.86 -7.49 -26.40
CA CYS A 193 -11.94 -7.53 -27.52
C CYS A 193 -12.30 -6.42 -28.49
N GLY A 194 -11.49 -6.29 -29.55
CA GLY A 194 -11.71 -5.28 -30.56
C GLY A 194 -12.28 -5.86 -31.84
N PRO A 195 -12.50 -4.99 -32.85
CA PRO A 195 -13.06 -5.40 -34.14
C PRO A 195 -12.11 -6.30 -34.93
N THR B 1 19.67 -22.20 -34.15
CA THR B 1 20.65 -23.01 -33.42
C THR B 1 21.00 -22.40 -32.08
N ASN B 2 20.21 -21.42 -31.64
CA ASN B 2 20.50 -20.69 -30.40
C ASN B 2 20.12 -21.56 -29.21
N LEU B 3 21.08 -21.76 -28.30
CA LEU B 3 20.87 -22.64 -27.16
C LEU B 3 20.06 -21.94 -26.07
N CYS B 4 19.37 -22.76 -25.27
CA CYS B 4 18.51 -22.20 -24.23
C CYS B 4 19.34 -21.75 -23.03
N PRO B 5 19.02 -20.59 -22.45
CA PRO B 5 19.80 -20.04 -21.33
C PRO B 5 19.50 -20.72 -20.00
N PHE B 6 19.87 -22.00 -19.90
CA PHE B 6 19.74 -22.70 -18.63
C PHE B 6 20.77 -22.26 -17.60
N GLY B 7 21.90 -21.72 -18.05
CA GLY B 7 22.89 -21.22 -17.11
C GLY B 7 22.40 -20.01 -16.34
N GLU B 8 21.61 -19.15 -16.99
CA GLU B 8 21.01 -18.02 -16.29
C GLU B 8 20.16 -18.49 -15.12
N VAL B 9 19.52 -19.65 -15.25
CA VAL B 9 18.62 -20.17 -14.24
C VAL B 9 19.40 -20.94 -13.18
N PHE B 10 20.09 -22.00 -13.62
CA PHE B 10 20.72 -22.92 -12.66
C PHE B 10 21.95 -22.32 -12.01
N ASN B 11 22.70 -21.48 -12.73
CA ASN B 11 23.93 -20.90 -12.21
C ASN B 11 23.78 -19.45 -11.79
N ALA B 12 22.54 -18.98 -11.62
CA ALA B 12 22.32 -17.64 -11.10
C ALA B 12 22.96 -17.49 -9.72
N THR B 13 23.48 -16.28 -9.45
CA THR B 13 24.21 -16.05 -8.21
C THR B 13 23.28 -16.05 -7.00
N ARG B 14 22.12 -15.40 -7.13
CA ARG B 14 21.15 -15.33 -6.05
C ARG B 14 19.83 -15.97 -6.49
N PHE B 15 19.23 -16.71 -5.57
CA PHE B 15 17.94 -17.37 -5.80
C PHE B 15 16.86 -16.69 -4.98
N ALA B 16 15.63 -16.73 -5.50
CA ALA B 16 14.50 -16.14 -4.83
C ALA B 16 14.09 -16.96 -3.61
N SER B 17 13.43 -16.30 -2.67
CA SER B 17 12.70 -17.00 -1.62
C SER B 17 11.48 -17.70 -2.21
N VAL B 18 11.08 -18.80 -1.58
CA VAL B 18 10.03 -19.62 -2.17
C VAL B 18 8.68 -18.90 -2.16
N TYR B 19 8.44 -18.02 -1.18
CA TYR B 19 7.19 -17.26 -1.20
C TYR B 19 7.13 -16.33 -2.40
N ALA B 20 8.27 -15.81 -2.83
CA ALA B 20 8.35 -14.97 -4.02
C ALA B 20 9.15 -15.69 -5.10
N TRP B 21 8.74 -16.91 -5.44
CA TRP B 21 9.48 -17.70 -6.42
C TRP B 21 9.55 -16.96 -7.75
N ASN B 22 10.66 -17.15 -8.45
CA ASN B 22 10.93 -16.46 -9.69
C ASN B 22 10.62 -17.36 -10.88
N ARG B 23 10.00 -16.78 -11.91
CA ARG B 23 9.67 -17.49 -13.13
C ARG B 23 10.42 -16.86 -14.31
N LYS B 24 11.15 -17.69 -15.05
CA LYS B 24 11.89 -17.25 -16.22
C LYS B 24 11.33 -17.97 -17.44
N ARG B 25 10.64 -17.24 -18.30
CA ARG B 25 10.08 -17.83 -19.51
C ARG B 25 11.18 -18.13 -20.51
N ILE B 26 11.28 -19.37 -20.95
CA ILE B 26 12.31 -19.83 -21.87
C ILE B 26 11.63 -20.19 -23.18
N SER B 27 11.94 -19.42 -24.23
CA SER B 27 11.31 -19.59 -25.53
C SER B 27 12.35 -19.53 -26.63
N ASN B 28 11.98 -20.06 -27.79
CA ASN B 28 12.70 -19.86 -29.06
C ASN B 28 14.19 -20.23 -28.93
N CYS B 29 14.44 -21.47 -28.54
CA CYS B 29 15.82 -21.91 -28.33
C CYS B 29 15.89 -23.43 -28.37
N VAL B 30 17.11 -23.93 -28.35
CA VAL B 30 17.40 -25.36 -28.37
C VAL B 30 17.81 -25.78 -26.97
N ALA B 31 17.11 -26.77 -26.40
CA ALA B 31 17.31 -27.18 -25.02
C ALA B 31 17.94 -28.57 -25.01
N ASP B 32 19.22 -28.63 -24.67
CA ASP B 32 19.92 -29.90 -24.49
C ASP B 32 19.84 -30.27 -23.01
N TYR B 33 18.84 -31.07 -22.66
CA TYR B 33 18.66 -31.48 -21.27
C TYR B 33 19.71 -32.49 -20.81
N SER B 34 20.57 -32.96 -21.71
CA SER B 34 21.70 -33.79 -21.30
C SER B 34 22.75 -32.94 -20.57
N VAL B 35 22.85 -31.66 -20.92
CA VAL B 35 23.76 -30.76 -20.23
C VAL B 35 23.39 -30.65 -18.76
N LEU B 36 22.10 -30.54 -18.47
CA LEU B 36 21.65 -30.41 -17.08
C LEU B 36 22.03 -31.64 -16.26
N TYR B 37 21.54 -32.81 -16.68
CA TYR B 37 21.70 -33.99 -15.83
C TYR B 37 23.15 -34.37 -15.60
N ASN B 38 24.02 -34.10 -16.57
CA ASN B 38 25.42 -34.51 -16.46
C ASN B 38 26.23 -33.66 -15.49
N SER B 39 25.59 -32.78 -14.73
CA SER B 39 26.32 -32.08 -13.67
C SER B 39 26.58 -32.99 -12.48
N ALA B 40 25.72 -33.99 -12.27
CA ALA B 40 25.85 -34.99 -11.21
C ALA B 40 25.82 -34.37 -9.82
N SER B 41 25.73 -33.05 -9.74
CA SER B 41 25.57 -32.34 -8.48
C SER B 41 24.12 -32.36 -7.98
N PHE B 42 23.18 -32.78 -8.83
CA PHE B 42 21.77 -32.79 -8.47
C PHE B 42 21.46 -33.97 -7.56
N SER B 43 20.70 -33.70 -6.50
CA SER B 43 20.20 -34.75 -5.63
C SER B 43 18.77 -35.17 -5.98
N THR B 44 18.02 -34.30 -6.66
CA THR B 44 16.70 -34.61 -7.17
C THR B 44 16.66 -34.19 -8.62
N PHE B 45 16.24 -35.11 -9.49
CA PHE B 45 16.04 -34.83 -10.91
C PHE B 45 14.96 -35.80 -11.40
N LYS B 46 13.72 -35.38 -11.24
CA LYS B 46 12.57 -36.18 -11.59
C LYS B 46 11.66 -35.40 -12.52
N CYS B 47 10.89 -36.11 -13.33
CA CYS B 47 9.96 -35.48 -14.26
C CYS B 47 8.59 -36.13 -14.14
N TYR B 48 7.57 -35.35 -14.50
CA TYR B 48 6.18 -35.81 -14.48
C TYR B 48 5.57 -35.57 -15.85
N GLY B 49 5.01 -36.62 -16.44
CA GLY B 49 4.39 -36.51 -17.74
C GLY B 49 5.34 -36.64 -18.91
N VAL B 50 6.64 -36.77 -18.66
CA VAL B 50 7.64 -36.98 -19.68
C VAL B 50 8.72 -37.89 -19.11
N SER B 51 9.44 -38.58 -20.02
CA SER B 51 10.57 -39.38 -19.57
C SER B 51 11.83 -38.53 -19.51
N PRO B 52 12.54 -38.50 -18.39
CA PRO B 52 13.74 -37.66 -18.29
C PRO B 52 14.82 -38.01 -19.32
N THR B 53 14.91 -39.29 -19.73
CA THR B 53 15.91 -39.65 -20.72
C THR B 53 15.52 -39.16 -22.11
N LYS B 54 14.23 -39.13 -22.42
CA LYS B 54 13.73 -38.71 -23.72
C LYS B 54 13.44 -37.21 -23.80
N LEU B 55 14.05 -36.41 -22.92
CA LEU B 55 13.79 -34.98 -22.92
C LEU B 55 14.34 -34.31 -24.17
N ASN B 56 15.41 -34.85 -24.74
CA ASN B 56 16.00 -34.24 -25.93
C ASN B 56 15.07 -34.32 -27.13
N ASP B 57 14.24 -35.37 -27.20
CA ASP B 57 13.46 -35.68 -28.39
C ASP B 57 12.08 -35.02 -28.40
N LEU B 58 11.83 -34.07 -27.51
CA LEU B 58 10.51 -33.48 -27.36
C LEU B 58 10.51 -32.02 -27.78
N CYS B 59 9.30 -31.50 -28.01
CA CYS B 59 9.09 -30.12 -28.40
C CYS B 59 7.89 -29.57 -27.62
N PHE B 60 7.96 -28.28 -27.28
CA PHE B 60 6.91 -27.64 -26.51
C PHE B 60 6.69 -26.22 -27.01
N THR B 61 5.50 -25.70 -26.73
CA THR B 61 5.19 -24.31 -27.07
C THR B 61 5.97 -23.35 -26.20
N ASN B 62 5.85 -23.51 -24.87
CA ASN B 62 6.57 -22.68 -23.91
C ASN B 62 7.20 -23.57 -22.86
N VAL B 63 8.29 -23.08 -22.27
CA VAL B 63 8.98 -23.75 -21.17
C VAL B 63 9.23 -22.72 -20.09
N TYR B 64 8.61 -22.91 -18.93
CA TYR B 64 8.81 -22.03 -17.78
C TYR B 64 9.77 -22.68 -16.79
N ALA B 65 10.72 -21.89 -16.29
CA ALA B 65 11.68 -22.34 -15.28
C ALA B 65 11.44 -21.54 -14.01
N ASP B 66 10.83 -22.18 -13.01
CA ASP B 66 10.64 -21.57 -11.70
C ASP B 66 11.78 -21.99 -10.79
N SER B 67 12.28 -21.03 -10.00
CA SER B 67 13.43 -21.27 -9.14
C SER B 67 13.23 -20.58 -7.80
N PHE B 68 13.74 -21.21 -6.75
CA PHE B 68 13.58 -20.73 -5.37
C PHE B 68 14.46 -21.59 -4.47
N VAL B 69 14.48 -21.24 -3.18
CA VAL B 69 15.23 -21.98 -2.17
C VAL B 69 14.25 -22.41 -1.07
N ILE B 70 14.40 -23.66 -0.61
CA ILE B 70 13.66 -24.21 0.50
C ILE B 70 14.60 -25.06 1.34
N ARG B 71 14.06 -25.68 2.39
CA ARG B 71 14.85 -26.60 3.19
C ARG B 71 14.86 -27.98 2.55
N GLY B 72 15.87 -28.78 2.93
CA GLY B 72 16.05 -30.08 2.31
C GLY B 72 14.86 -31.00 2.49
N ASP B 73 14.32 -31.02 3.69
CA ASP B 73 13.19 -31.89 4.01
C ASP B 73 11.91 -31.42 3.31
N GLU B 74 11.93 -30.28 2.63
CA GLU B 74 10.76 -29.74 1.97
C GLU B 74 10.77 -29.97 0.46
N VAL B 75 11.85 -30.54 -0.07
CA VAL B 75 11.89 -30.87 -1.50
C VAL B 75 10.80 -31.88 -1.85
N ARG B 76 10.42 -32.72 -0.88
CA ARG B 76 9.32 -33.66 -1.09
C ARG B 76 8.03 -32.95 -1.46
N GLN B 77 7.86 -31.69 -1.05
CA GLN B 77 6.61 -30.98 -1.29
C GLN B 77 6.52 -30.42 -2.70
N ILE B 78 7.63 -30.33 -3.42
CA ILE B 78 7.61 -29.82 -4.80
C ILE B 78 7.24 -30.97 -5.73
N ALA B 79 5.96 -31.37 -5.68
CA ALA B 79 5.47 -32.50 -6.44
C ALA B 79 3.96 -32.38 -6.52
N PRO B 80 3.33 -33.00 -7.52
CA PRO B 80 1.86 -32.96 -7.59
C PRO B 80 1.24 -33.64 -6.37
N GLY B 81 0.16 -33.05 -5.88
CA GLY B 81 -0.62 -33.69 -4.82
C GLY B 81 0.05 -33.75 -3.47
N GLN B 82 0.92 -32.81 -3.15
CA GLN B 82 1.56 -32.75 -1.84
C GLN B 82 0.90 -31.67 -0.99
N THR B 83 1.13 -31.75 0.32
CA THR B 83 0.70 -30.74 1.26
C THR B 83 1.85 -30.38 2.19
N GLY B 84 1.63 -29.35 2.99
CA GLY B 84 2.67 -28.75 3.81
C GLY B 84 2.76 -27.26 3.57
N LYS B 85 3.54 -26.60 4.43
CA LYS B 85 3.66 -25.15 4.35
C LYS B 85 4.12 -24.69 2.97
N ILE B 86 5.00 -25.46 2.34
CA ILE B 86 5.51 -25.05 1.03
C ILE B 86 4.46 -25.29 -0.05
N ALA B 87 3.92 -26.50 -0.12
CA ALA B 87 2.95 -26.82 -1.17
C ALA B 87 1.63 -26.07 -1.01
N ASP B 88 1.22 -25.79 0.23
CA ASP B 88 -0.05 -25.11 0.46
C ASP B 88 0.06 -23.59 0.39
N TYR B 89 1.17 -23.02 0.87
CA TYR B 89 1.27 -21.57 1.04
C TYR B 89 2.31 -20.89 0.18
N ASN B 90 3.15 -21.63 -0.55
CA ASN B 90 4.27 -20.99 -1.22
C ASN B 90 4.34 -21.31 -2.71
N TYR B 91 4.38 -22.60 -3.06
CA TYR B 91 4.54 -22.99 -4.46
C TYR B 91 3.81 -24.31 -4.68
N LYS B 92 2.72 -24.25 -5.45
CA LYS B 92 1.82 -25.38 -5.63
C LYS B 92 1.88 -25.87 -7.07
N LEU B 93 2.29 -27.12 -7.26
CA LEU B 93 2.23 -27.73 -8.58
C LEU B 93 0.85 -28.33 -8.81
N PRO B 94 0.37 -28.30 -10.05
CA PRO B 94 -0.95 -28.86 -10.34
C PRO B 94 -0.90 -30.39 -10.42
N ASP B 95 -2.08 -31.00 -10.26
CA ASP B 95 -2.17 -32.45 -10.29
C ASP B 95 -1.72 -33.02 -11.63
N ASP B 96 -2.11 -32.36 -12.73
CA ASP B 96 -1.72 -32.77 -14.08
C ASP B 96 -0.45 -32.07 -14.54
N PHE B 97 0.53 -31.96 -13.65
CA PHE B 97 1.77 -31.24 -13.95
C PHE B 97 2.59 -31.98 -14.99
N THR B 98 3.04 -31.24 -16.01
CA THR B 98 3.97 -31.75 -17.01
C THR B 98 5.26 -30.93 -16.92
N GLY B 99 6.33 -31.57 -16.46
CA GLY B 99 7.60 -30.89 -16.32
C GLY B 99 8.54 -31.71 -15.46
N CYS B 100 9.56 -31.03 -14.93
CA CYS B 100 10.57 -31.68 -14.11
C CYS B 100 10.85 -30.84 -12.88
N VAL B 101 11.38 -31.51 -11.85
CA VAL B 101 11.78 -30.88 -10.60
C VAL B 101 13.25 -31.23 -10.36
N ILE B 102 14.08 -30.22 -10.18
CA ILE B 102 15.52 -30.39 -10.03
C ILE B 102 15.96 -29.62 -8.79
N ALA B 103 16.70 -30.30 -7.91
CA ALA B 103 17.13 -29.69 -6.66
C ALA B 103 18.55 -30.15 -6.32
N TRP B 104 19.28 -29.27 -5.62
CA TRP B 104 20.62 -29.60 -5.18
C TRP B 104 20.92 -28.84 -3.90
N ASN B 105 21.79 -29.43 -3.07
CA ASN B 105 22.16 -28.82 -1.80
C ASN B 105 23.00 -27.57 -2.05
N SER B 106 22.60 -26.47 -1.41
CA SER B 106 23.27 -25.18 -1.59
C SER B 106 23.78 -24.63 -0.26
N ASN B 107 24.19 -25.51 0.65
CA ASN B 107 24.70 -25.07 1.94
C ASN B 107 25.93 -24.18 1.79
N ASN B 108 26.76 -24.43 0.78
CA ASN B 108 27.97 -23.65 0.58
C ASN B 108 27.68 -22.22 0.10
N LEU B 109 26.49 -21.95 -0.43
CA LEU B 109 26.18 -20.65 -0.98
C LEU B 109 25.08 -19.91 -0.25
N ASP B 110 24.26 -20.58 0.57
CA ASP B 110 23.06 -19.98 1.12
C ASP B 110 22.97 -20.03 2.64
N SER B 111 23.94 -20.61 3.33
CA SER B 111 23.99 -20.55 4.78
C SER B 111 25.06 -19.57 5.24
N LYS B 112 24.92 -19.09 6.46
CA LYS B 112 25.86 -18.11 7.03
C LYS B 112 25.96 -18.36 8.52
N VAL B 113 27.18 -18.25 9.06
CA VAL B 113 27.38 -18.38 10.50
C VAL B 113 26.56 -17.31 11.21
N GLY B 114 25.77 -17.74 12.19
CA GLY B 114 24.82 -16.85 12.83
C GLY B 114 23.49 -16.75 12.11
N GLY B 115 23.37 -17.34 10.92
CA GLY B 115 22.08 -17.44 10.25
C GLY B 115 21.93 -16.52 9.06
N ASN B 116 21.51 -17.10 7.94
CA ASN B 116 21.14 -16.33 6.76
C ASN B 116 19.63 -16.09 6.82
N TYR B 117 19.23 -14.86 7.12
CA TYR B 117 17.84 -14.53 7.35
C TYR B 117 17.11 -14.09 6.08
N ASN B 118 17.80 -14.04 4.94
CA ASN B 118 17.21 -13.47 3.73
C ASN B 118 16.25 -14.40 3.02
N TYR B 119 16.35 -15.70 3.22
CA TYR B 119 15.44 -16.66 2.61
C TYR B 119 14.22 -16.85 3.52
N LEU B 120 13.03 -16.59 2.98
CA LEU B 120 11.80 -16.70 3.75
C LEU B 120 10.85 -17.68 3.09
N TYR B 121 9.94 -18.23 3.89
CA TYR B 121 8.79 -18.96 3.39
C TYR B 121 7.54 -18.43 4.09
N ARG B 122 6.39 -18.59 3.44
CA ARG B 122 5.14 -18.17 4.03
C ARG B 122 4.62 -19.24 4.98
N LEU B 123 4.35 -18.84 6.23
CA LEU B 123 3.93 -19.78 7.26
C LEU B 123 2.45 -19.72 7.56
N PHE B 124 1.78 -18.60 7.27
CA PHE B 124 0.36 -18.44 7.52
C PHE B 124 -0.34 -17.97 6.26
N ARG B 125 -1.56 -18.46 6.05
CA ARG B 125 -2.39 -18.02 4.94
C ARG B 125 -3.81 -18.50 5.17
N LYS B 126 -4.79 -17.64 4.86
CA LYS B 126 -6.17 -18.00 5.09
C LYS B 126 -6.60 -19.19 4.23
N SER B 127 -6.00 -19.36 3.05
CA SER B 127 -6.36 -20.43 2.15
C SER B 127 -5.12 -20.96 1.45
N ASN B 128 -5.26 -22.11 0.80
CA ASN B 128 -4.18 -22.71 0.04
C ASN B 128 -4.00 -22.01 -1.30
N LEU B 129 -2.77 -22.06 -1.81
CA LEU B 129 -2.47 -21.52 -3.12
C LEU B 129 -3.04 -22.40 -4.22
N LYS B 130 -3.49 -21.75 -5.29
CA LYS B 130 -3.83 -22.45 -6.51
C LYS B 130 -2.55 -22.78 -7.27
N PRO B 131 -2.60 -23.76 -8.18
CA PRO B 131 -1.38 -24.13 -8.91
C PRO B 131 -0.74 -22.95 -9.61
N PHE B 132 0.56 -22.79 -9.40
CA PHE B 132 1.39 -21.73 -9.97
C PHE B 132 0.96 -20.33 -9.53
N GLU B 133 0.17 -20.23 -8.46
CA GLU B 133 -0.13 -18.94 -7.86
C GLU B 133 1.05 -18.47 -7.01
N ARG B 134 1.26 -17.15 -6.99
CA ARG B 134 2.34 -16.53 -6.17
C ARG B 134 1.72 -15.51 -5.23
N ASP B 135 2.20 -15.44 -4.00
CA ASP B 135 1.72 -14.50 -2.99
C ASP B 135 2.93 -13.87 -2.33
N ILE B 136 3.09 -12.56 -2.53
CA ILE B 136 4.17 -11.80 -1.90
C ILE B 136 3.63 -10.76 -0.92
N SER B 137 2.35 -10.85 -0.56
CA SER B 137 1.78 -9.95 0.42
C SER B 137 2.37 -10.24 1.81
N THR B 138 2.37 -9.21 2.66
CA THR B 138 2.91 -9.31 4.01
C THR B 138 1.93 -8.76 5.02
N GLU B 139 0.63 -8.98 4.79
CA GLU B 139 -0.38 -8.50 5.72
C GLU B 139 -0.36 -9.34 7.00
N ILE B 140 -0.63 -8.68 8.13
CA ILE B 140 -0.58 -9.37 9.42
C ILE B 140 -1.66 -10.43 9.47
N TYR B 141 -1.26 -11.67 9.73
CA TYR B 141 -2.18 -12.78 9.77
C TYR B 141 -2.88 -12.83 11.12
N GLN B 142 -4.21 -12.92 11.09
CA GLN B 142 -5.01 -13.01 12.31
C GLN B 142 -5.24 -14.48 12.63
N ALA B 143 -4.53 -15.00 13.64
CA ALA B 143 -4.66 -16.39 14.02
C ALA B 143 -5.77 -16.62 15.05
N GLY B 144 -6.20 -15.58 15.76
CA GLY B 144 -7.22 -15.73 16.77
C GLY B 144 -8.49 -14.94 16.50
N SER B 145 -9.29 -14.73 17.54
CA SER B 145 -10.54 -14.01 17.40
C SER B 145 -10.37 -12.50 17.45
N THR B 146 -9.25 -12.01 17.97
CA THR B 146 -9.04 -10.57 18.05
C THR B 146 -8.47 -10.04 16.75
N PRO B 147 -9.03 -8.98 16.17
CA PRO B 147 -8.42 -8.36 15.00
C PRO B 147 -7.03 -7.83 15.32
N CYS B 148 -6.25 -7.59 14.26
CA CYS B 148 -4.83 -7.32 14.43
C CYS B 148 -4.43 -5.87 14.19
N ASN B 149 -5.22 -5.10 13.43
CA ASN B 149 -4.95 -3.68 13.19
C ASN B 149 -3.56 -3.48 12.56
N GLY B 150 -3.13 -4.44 11.75
CA GLY B 150 -1.87 -4.31 11.03
C GLY B 150 -0.62 -4.31 11.88
N VAL B 151 -0.71 -4.68 13.15
CA VAL B 151 0.44 -4.75 14.05
C VAL B 151 0.52 -6.17 14.60
N GLU B 152 1.74 -6.70 14.68
CA GLU B 152 1.94 -8.09 15.09
C GLU B 152 1.81 -8.24 16.59
N GLY B 153 1.43 -9.44 17.01
CA GLY B 153 1.21 -9.75 18.40
C GLY B 153 1.28 -11.25 18.64
N PHE B 154 0.66 -11.69 19.74
CA PHE B 154 0.79 -13.10 20.11
C PHE B 154 -0.06 -13.99 19.22
N ASN B 155 -1.23 -13.52 18.81
CA ASN B 155 -2.14 -14.28 17.90
C ASN B 155 -2.19 -13.53 16.57
N CYS B 156 -1.25 -12.63 16.33
CA CYS B 156 -1.19 -11.81 15.13
C CYS B 156 0.22 -11.92 14.56
N TYR B 157 0.37 -12.55 13.41
CA TYR B 157 1.68 -12.95 12.91
C TYR B 157 2.05 -12.22 11.63
N PHE B 158 3.27 -11.75 11.56
CA PHE B 158 3.89 -11.47 10.28
C PHE B 158 3.93 -12.78 9.50
N PRO B 159 3.32 -12.85 8.32
CA PRO B 159 3.02 -14.17 7.74
C PRO B 159 4.23 -14.93 7.22
N LEU B 160 5.36 -14.27 7.01
CA LEU B 160 6.55 -14.95 6.52
C LEU B 160 7.45 -15.37 7.67
N GLN B 161 8.45 -16.19 7.35
CA GLN B 161 9.35 -16.76 8.36
C GLN B 161 10.71 -17.01 7.74
N SER B 162 11.76 -16.51 8.39
CA SER B 162 13.12 -16.78 7.95
C SER B 162 13.53 -18.20 8.28
N TYR B 163 14.29 -18.82 7.38
CA TYR B 163 14.87 -20.13 7.67
C TYR B 163 16.04 -20.00 8.63
N GLY B 164 16.83 -18.93 8.51
CA GLY B 164 18.04 -18.78 9.27
C GLY B 164 19.04 -19.89 9.00
N PHE B 165 19.40 -20.08 7.74
CA PHE B 165 20.31 -21.16 7.37
C PHE B 165 21.68 -20.95 8.00
N GLN B 166 22.19 -22.00 8.66
CA GLN B 166 23.53 -22.03 9.22
C GLN B 166 24.31 -23.21 8.67
N PRO B 167 25.60 -23.03 8.36
CA PRO B 167 26.39 -24.13 7.78
C PRO B 167 26.47 -25.35 8.66
N THR B 168 26.22 -25.23 9.96
CA THR B 168 26.27 -26.36 10.89
C THR B 168 24.95 -27.12 11.00
N ASN B 169 23.92 -26.71 10.25
CA ASN B 169 22.63 -27.38 10.31
C ASN B 169 22.73 -28.82 9.81
N GLY B 170 21.87 -29.67 10.35
CA GLY B 170 21.68 -30.98 9.77
C GLY B 170 21.21 -30.88 8.33
N VAL B 171 21.37 -31.99 7.59
CA VAL B 171 21.08 -31.98 6.17
C VAL B 171 19.63 -31.57 5.91
N GLY B 172 18.70 -32.07 6.72
CA GLY B 172 17.29 -31.72 6.58
C GLY B 172 17.00 -30.26 6.73
N TYR B 173 17.83 -29.52 7.47
CA TYR B 173 17.67 -28.08 7.66
C TYR B 173 18.54 -27.25 6.73
N GLN B 174 19.35 -27.89 5.89
CA GLN B 174 20.22 -27.14 5.01
C GLN B 174 19.44 -26.64 3.79
N PRO B 175 19.88 -25.54 3.18
CA PRO B 175 19.14 -24.99 2.03
C PRO B 175 19.38 -25.80 0.76
N TYR B 176 18.33 -25.91 -0.04
CA TYR B 176 18.40 -26.57 -1.33
C TYR B 176 17.88 -25.60 -2.39
N ARG B 177 18.59 -25.50 -3.51
CA ARG B 177 18.14 -24.71 -4.63
C ARG B 177 17.34 -25.59 -5.58
N VAL B 178 16.14 -25.13 -5.93
CA VAL B 178 15.19 -25.91 -6.71
C VAL B 178 14.90 -25.17 -8.01
N VAL B 179 14.89 -25.92 -9.12
CA VAL B 179 14.43 -25.41 -10.41
C VAL B 179 13.30 -26.32 -10.89
N VAL B 180 12.15 -25.73 -11.19
CA VAL B 180 11.00 -26.47 -11.71
C VAL B 180 10.81 -26.07 -13.17
N LEU B 181 11.07 -27.01 -14.07
CA LEU B 181 10.81 -26.80 -15.49
C LEU B 181 9.37 -27.18 -15.79
N SER B 182 8.63 -26.25 -16.39
CA SER B 182 7.21 -26.46 -16.70
C SER B 182 7.05 -26.47 -18.22
N PHE B 183 6.57 -27.60 -18.75
CA PHE B 183 6.40 -27.79 -20.18
C PHE B 183 4.95 -27.59 -20.57
N GLU B 184 4.70 -26.62 -21.43
CA GLU B 184 3.35 -26.26 -21.87
C GLU B 184 3.21 -26.58 -23.35
N LEU B 185 2.11 -27.24 -23.71
CA LEU B 185 1.86 -27.67 -25.08
C LEU B 185 0.56 -27.01 -25.56
N LEU B 186 0.67 -25.78 -26.06
CA LEU B 186 -0.46 -25.07 -26.62
C LEU B 186 -0.54 -25.31 -28.13
N HIS B 187 -1.74 -25.10 -28.68
CA HIS B 187 -1.96 -25.24 -30.12
C HIS B 187 -1.38 -24.01 -30.81
N ALA B 188 -0.08 -24.07 -31.09
CA ALA B 188 0.71 -22.98 -31.66
C ALA B 188 2.05 -23.56 -32.10
N PRO B 189 2.87 -22.84 -32.85
CA PRO B 189 4.18 -23.37 -33.23
C PRO B 189 5.04 -23.67 -32.01
N ALA B 190 5.75 -24.80 -32.06
CA ALA B 190 6.60 -25.23 -30.96
C ALA B 190 7.91 -24.47 -31.01
N THR B 191 8.14 -23.63 -29.99
CA THR B 191 9.30 -22.74 -29.98
C THR B 191 10.52 -23.33 -29.28
N VAL B 192 10.34 -24.35 -28.45
CA VAL B 192 11.44 -25.00 -27.73
C VAL B 192 11.50 -26.46 -28.13
N CYS B 193 12.67 -26.90 -28.59
CA CYS B 193 12.90 -28.29 -28.94
C CYS B 193 14.31 -28.67 -28.50
N GLY B 194 14.64 -29.93 -28.68
CA GLY B 194 15.97 -30.40 -28.24
C GLY B 194 16.92 -30.48 -29.41
N PRO B 195 18.15 -30.98 -29.19
CA PRO B 195 19.09 -31.15 -30.29
C PRO B 195 18.47 -32.13 -31.28
N LYS B 196 17.81 -33.16 -30.71
CA LYS B 196 16.60 -33.90 -31.19
C LYS B 196 17.00 -35.32 -31.57
N GLN C 1 24.63 -29.02 17.58
CA GLN C 1 23.97 -29.67 18.72
C GLN C 1 23.21 -28.65 19.57
N VAL C 2 22.19 -28.01 18.96
CA VAL C 2 21.30 -27.16 19.72
C VAL C 2 20.53 -28.01 20.72
N GLN C 3 20.36 -27.50 21.94
CA GLN C 3 19.63 -28.23 22.95
C GLN C 3 18.91 -27.26 23.88
N LEU C 4 17.61 -27.48 24.05
CA LEU C 4 16.81 -26.79 25.05
C LEU C 4 16.30 -27.83 26.04
N GLN C 5 16.47 -27.57 27.33
CA GLN C 5 16.07 -28.52 28.36
C GLN C 5 15.25 -27.79 29.42
N GLU C 6 14.02 -28.25 29.62
CA GLU C 6 13.14 -27.65 30.62
C GLU C 6 13.36 -28.29 31.99
N SER C 7 13.08 -27.51 33.03
CA SER C 7 13.11 -27.98 34.39
C SER C 7 12.22 -27.07 35.23
N GLY C 8 11.96 -27.49 36.46
CA GLY C 8 11.19 -26.70 37.40
C GLY C 8 9.72 -27.06 37.50
N GLY C 9 9.24 -28.03 36.73
CA GLY C 9 7.86 -28.44 36.82
C GLY C 9 7.58 -29.20 38.11
N GLY C 10 6.31 -29.49 38.31
CA GLY C 10 5.90 -30.26 39.47
C GLY C 10 4.45 -30.01 39.81
N LEU C 11 4.11 -30.34 41.05
CA LEU C 11 2.74 -30.30 41.57
C LEU C 11 2.56 -29.09 42.47
N VAL C 12 1.43 -28.42 42.30
CA VAL C 12 1.14 -27.23 43.12
C VAL C 12 -0.35 -27.16 43.39
N GLN C 13 -0.72 -26.69 44.56
CA GLN C 13 -2.11 -26.43 44.87
C GLN C 13 -2.60 -25.25 44.04
N PRO C 14 -3.91 -25.19 43.75
CA PRO C 14 -4.44 -24.03 43.02
C PRO C 14 -4.10 -22.73 43.73
N GLY C 15 -3.76 -21.71 42.94
CA GLY C 15 -3.23 -20.48 43.47
C GLY C 15 -1.74 -20.50 43.76
N GLY C 16 -1.08 -21.63 43.61
CA GLY C 16 0.33 -21.73 43.90
C GLY C 16 1.19 -21.09 42.83
N SER C 17 2.50 -21.32 42.93
CA SER C 17 3.46 -20.75 42.02
C SER C 17 4.52 -21.78 41.65
N LEU C 18 4.91 -21.78 40.37
CA LEU C 18 6.07 -22.52 39.90
C LEU C 18 6.93 -21.59 39.06
N ARG C 19 8.20 -21.98 38.91
CA ARG C 19 9.13 -21.28 38.04
C ARG C 19 9.81 -22.31 37.16
N LEU C 20 9.57 -22.23 35.85
CA LEU C 20 10.23 -23.11 34.90
C LEU C 20 11.51 -22.45 34.40
N SER C 21 12.47 -23.29 34.01
CA SER C 21 13.70 -22.82 33.40
C SER C 21 13.93 -23.59 32.11
N CYS C 22 14.48 -22.90 31.11
CA CYS C 22 14.84 -23.51 29.83
C CYS C 22 16.30 -23.21 29.59
N ALA C 23 17.14 -24.24 29.70
CA ALA C 23 18.57 -24.07 29.44
C ALA C 23 18.82 -24.22 27.95
N VAL C 24 19.29 -23.15 27.33
CA VAL C 24 19.60 -23.12 25.91
C VAL C 24 21.10 -23.29 25.75
N SER C 25 21.50 -24.34 25.02
CA SER C 25 22.90 -24.65 24.83
C SER C 25 23.17 -24.88 23.34
N GLY C 26 24.40 -24.60 22.93
CA GLY C 26 24.81 -24.77 21.54
C GLY C 26 24.16 -23.84 20.55
N PHE C 27 23.39 -22.85 21.02
CA PHE C 27 22.67 -21.97 20.12
C PHE C 27 23.61 -20.97 19.49
N THR C 28 23.40 -20.71 18.20
CA THR C 28 24.32 -19.88 17.42
C THR C 28 23.63 -18.82 16.58
N LEU C 29 22.31 -18.80 16.50
CA LEU C 29 21.62 -17.80 15.70
C LEU C 29 21.80 -16.42 16.31
N ASP C 30 22.04 -15.43 15.43
CA ASP C 30 22.22 -14.06 15.90
C ASP C 30 20.95 -13.52 16.52
N TYR C 31 19.81 -13.73 15.87
CA TYR C 31 18.53 -13.17 16.31
C TYR C 31 17.48 -14.26 16.25
N TYR C 32 16.83 -14.51 17.38
CA TYR C 32 15.87 -15.59 17.49
C TYR C 32 14.84 -15.25 18.56
N ALA C 33 13.81 -16.08 18.63
CA ALA C 33 12.78 -15.96 19.65
C ALA C 33 12.71 -17.27 20.42
N ILE C 34 12.47 -17.16 21.73
CA ILE C 34 12.24 -18.30 22.60
C ILE C 34 10.81 -18.24 23.07
N GLY C 35 10.14 -19.39 23.08
CA GLY C 35 8.76 -19.44 23.50
C GLY C 35 8.51 -20.56 24.48
N TRP C 36 7.51 -20.34 25.33
CA TRP C 36 6.99 -21.37 26.22
C TRP C 36 5.64 -21.83 25.69
N PHE C 37 5.51 -23.14 25.48
CA PHE C 37 4.28 -23.75 25.00
C PHE C 37 3.82 -24.78 26.01
N ARG C 38 2.56 -25.22 25.87
CA ARG C 38 2.03 -26.25 26.75
C ARG C 38 1.06 -27.12 25.98
N GLN C 39 0.95 -28.37 26.41
CA GLN C 39 0.07 -29.35 25.74
C GLN C 39 -0.68 -30.12 26.81
N ALA C 40 -1.98 -29.87 26.91
CA ALA C 40 -2.85 -30.65 27.79
C ALA C 40 -3.01 -32.06 27.23
N PRO C 41 -3.38 -33.03 28.08
CA PRO C 41 -3.48 -34.42 27.61
C PRO C 41 -4.34 -34.61 26.36
N GLY C 42 -5.50 -33.98 26.29
CA GLY C 42 -6.38 -34.17 25.15
C GLY C 42 -6.28 -33.09 24.09
N LYS C 43 -5.82 -31.90 24.48
CA LYS C 43 -5.85 -30.73 23.61
C LYS C 43 -4.56 -30.65 22.77
N GLU C 44 -4.47 -29.60 21.96
CA GLU C 44 -3.33 -29.35 21.10
C GLU C 44 -2.29 -28.50 21.81
N ARG C 45 -1.06 -28.53 21.30
CA ARG C 45 0.02 -27.73 21.86
C ARG C 45 -0.20 -26.26 21.54
N GLU C 46 -0.26 -25.43 22.57
CA GLU C 46 -0.59 -24.02 22.44
C GLU C 46 0.54 -23.15 22.99
N GLY C 47 0.70 -21.99 22.39
CA GLY C 47 1.72 -21.05 22.86
C GLY C 47 1.25 -20.26 24.07
N VAL C 48 2.18 -20.00 24.98
CA VAL C 48 1.90 -19.33 26.24
C VAL C 48 2.57 -17.96 26.30
N SER C 49 3.85 -17.89 25.96
CA SER C 49 4.57 -16.62 26.01
C SER C 49 5.78 -16.71 25.10
N CYS C 50 6.29 -15.54 24.70
CA CYS C 50 7.33 -15.43 23.71
C CYS C 50 8.25 -14.29 24.11
N ILE C 51 9.53 -14.40 23.76
CA ILE C 51 10.51 -13.41 24.15
C ILE C 51 11.53 -13.23 23.03
N SER C 52 12.01 -11.99 22.89
CA SER C 52 13.00 -11.65 21.88
C SER C 52 14.40 -11.79 22.46
N SER C 53 15.32 -12.27 21.63
CA SER C 53 16.72 -12.41 22.06
C SER C 53 17.47 -11.09 22.01
N SER C 54 16.97 -10.10 21.27
CA SER C 54 17.71 -8.87 21.05
C SER C 54 17.51 -7.85 22.16
N ASP C 55 16.27 -7.66 22.63
CA ASP C 55 16.02 -6.71 23.71
C ASP C 55 15.06 -7.24 24.76
N GLY C 56 14.69 -8.52 24.71
CA GLY C 56 13.85 -9.07 25.74
C GLY C 56 12.41 -8.66 25.70
N SER C 57 11.93 -8.13 24.57
CA SER C 57 10.51 -7.86 24.42
C SER C 57 9.71 -9.15 24.56
N THR C 58 8.51 -9.03 25.12
CA THR C 58 7.71 -10.20 25.47
C THR C 58 6.29 -10.04 24.97
N SER C 59 5.61 -11.18 24.85
CA SER C 59 4.18 -11.22 24.55
C SER C 59 3.60 -12.49 25.16
N TYR C 60 2.29 -12.47 25.38
CA TYR C 60 1.65 -13.50 26.19
C TYR C 60 0.31 -13.89 25.58
N ALA C 61 -0.06 -15.15 25.77
CA ALA C 61 -1.42 -15.58 25.47
C ALA C 61 -2.38 -14.97 26.49
N ASP C 62 -3.61 -14.67 26.03
CA ASP C 62 -4.59 -14.04 26.90
C ASP C 62 -4.86 -14.85 28.16
N SER C 63 -4.83 -16.18 28.05
CA SER C 63 -5.19 -17.04 29.17
C SER C 63 -4.23 -16.91 30.36
N VAL C 64 -3.02 -16.39 30.14
CA VAL C 64 -2.01 -16.33 31.19
C VAL C 64 -1.54 -14.92 31.49
N LYS C 65 -2.05 -13.90 30.79
CA LYS C 65 -1.62 -12.53 31.03
C LYS C 65 -1.86 -12.13 32.48
N GLY C 66 -0.86 -11.52 33.09
CA GLY C 66 -0.92 -11.13 34.48
C GLY C 66 -0.51 -12.21 35.46
N ARG C 67 -0.50 -13.47 35.04
CA ARG C 67 -0.11 -14.58 35.90
C ARG C 67 1.23 -15.20 35.53
N PHE C 68 1.60 -15.16 34.26
CA PHE C 68 2.85 -15.73 33.78
C PHE C 68 3.78 -14.62 33.32
N THR C 69 5.08 -14.77 33.61
CA THR C 69 6.09 -13.84 33.13
C THR C 69 7.25 -14.64 32.53
N ILE C 70 7.64 -14.27 31.33
CA ILE C 70 8.81 -14.86 30.68
C ILE C 70 9.95 -13.86 30.76
N SER C 71 11.16 -14.36 30.97
CA SER C 71 12.34 -13.52 31.05
C SER C 71 13.54 -14.32 30.59
N ARG C 72 14.64 -13.61 30.34
CA ARG C 72 15.87 -14.23 29.90
C ARG C 72 17.03 -13.70 30.72
N ASP C 73 17.96 -14.60 31.05
CA ASP C 73 19.26 -14.25 31.62
C ASP C 73 20.27 -14.50 30.51
N ASN C 74 20.62 -13.45 29.77
CA ASN C 74 21.53 -13.60 28.63
C ASN C 74 22.91 -14.09 29.07
N ALA C 75 23.28 -13.83 30.32
CA ALA C 75 24.51 -14.39 30.86
C ALA C 75 24.49 -15.92 30.78
N LYS C 76 23.50 -16.55 31.42
CA LYS C 76 23.35 -18.00 31.37
C LYS C 76 22.70 -18.49 30.08
N ASN C 77 22.16 -17.59 29.26
CA ASN C 77 21.34 -17.97 28.11
C ASN C 77 20.23 -18.92 28.54
N THR C 78 19.56 -18.54 29.63
CA THR C 78 18.46 -19.31 30.20
C THR C 78 17.18 -18.48 30.13
N VAL C 79 16.08 -19.12 29.77
CA VAL C 79 14.77 -18.48 29.68
C VAL C 79 13.90 -19.04 30.79
N TYR C 80 13.25 -18.14 31.54
CA TYR C 80 12.44 -18.51 32.68
C TYR C 80 10.95 -18.29 32.39
N LEU C 81 10.11 -19.06 33.08
CA LEU C 81 8.66 -18.84 33.06
C LEU C 81 8.21 -18.81 34.52
N GLN C 82 7.95 -17.61 35.03
CA GLN C 82 7.41 -17.46 36.37
C GLN C 82 5.89 -17.64 36.29
N MET C 83 5.38 -18.69 36.91
CA MET C 83 3.97 -19.05 36.84
C MET C 83 3.33 -18.82 38.22
N ASN C 84 2.53 -17.76 38.33
CA ASN C 84 1.82 -17.44 39.56
C ASN C 84 0.33 -17.64 39.38
N SER C 85 -0.37 -17.77 40.51
CA SER C 85 -1.83 -17.90 40.55
C SER C 85 -2.31 -19.03 39.64
N LEU C 86 -1.68 -20.20 39.80
CA LEU C 86 -1.96 -21.32 38.93
C LEU C 86 -3.32 -21.95 39.24
N LYS C 87 -4.08 -22.23 38.19
CA LYS C 87 -5.37 -22.89 38.26
C LYS C 87 -5.28 -24.26 37.60
N PRO C 88 -6.21 -25.18 37.90
CA PRO C 88 -6.13 -26.53 37.32
C PRO C 88 -6.09 -26.54 35.80
N GLU C 89 -6.64 -25.51 35.14
CA GLU C 89 -6.58 -25.41 33.68
C GLU C 89 -5.14 -25.33 33.17
N ASP C 90 -4.20 -24.85 34.01
CA ASP C 90 -2.82 -24.72 33.61
C ASP C 90 -2.07 -26.04 33.60
N THR C 91 -2.71 -27.10 34.06
CA THR C 91 -2.09 -28.44 34.09
C THR C 91 -1.74 -28.88 32.67
N ALA C 92 -0.45 -29.08 32.40
CA ALA C 92 0.01 -29.52 31.06
C ALA C 92 1.48 -29.88 31.06
N LEU C 93 1.97 -30.39 29.93
CA LEU C 93 3.41 -30.60 29.80
C LEU C 93 3.92 -29.32 29.15
N TYR C 94 4.86 -28.63 29.78
CA TYR C 94 5.33 -27.31 29.30
C TYR C 94 6.61 -27.44 28.48
N TYR C 95 6.56 -26.94 27.25
CA TYR C 95 7.70 -27.01 26.36
C TYR C 95 8.29 -25.63 26.15
N CYS C 96 9.62 -25.56 26.00
CA CYS C 96 10.25 -24.36 25.46
C CYS C 96 10.75 -24.66 24.05
N ALA C 97 10.73 -23.63 23.21
CA ALA C 97 11.10 -23.77 21.82
C ALA C 97 11.84 -22.52 21.37
N ALA C 98 12.66 -22.67 20.33
CA ALA C 98 13.42 -21.57 19.77
C ALA C 98 13.30 -21.61 18.25
N THR C 99 13.29 -20.43 17.65
CA THR C 99 13.15 -20.29 16.20
C THR C 99 13.79 -18.98 15.79
N PRO C 100 14.35 -18.91 14.58
CA PRO C 100 15.01 -17.68 14.15
C PRO C 100 14.03 -16.52 14.04
N ALA C 101 14.53 -15.32 14.28
CA ALA C 101 13.77 -14.13 13.92
C ALA C 101 13.61 -14.05 12.41
N THR C 102 12.63 -13.27 11.97
CA THR C 102 12.34 -13.13 10.55
C THR C 102 12.74 -11.74 10.09
N TYR C 103 13.61 -11.69 9.08
CA TYR C 103 14.08 -10.43 8.52
C TYR C 103 13.32 -10.12 7.23
N TYR C 104 12.73 -8.92 7.17
CA TYR C 104 12.00 -8.50 5.97
C TYR C 104 11.99 -6.98 5.89
N SER C 105 12.44 -6.42 4.78
CA SER C 105 12.43 -4.96 4.58
C SER C 105 13.21 -4.24 5.68
N GLY C 106 14.39 -4.74 6.05
CA GLY C 106 15.21 -4.03 7.02
C GLY C 106 14.81 -4.17 8.47
N ARG C 107 13.79 -4.98 8.79
CA ARG C 107 13.32 -5.14 10.16
C ARG C 107 13.26 -6.62 10.52
N TYR C 108 13.61 -6.94 11.77
CA TYR C 108 13.45 -8.28 12.31
C TYR C 108 12.15 -8.40 13.07
N TYR C 109 11.48 -9.54 12.94
CA TYR C 109 10.29 -9.87 13.71
C TYR C 109 10.60 -11.04 14.62
N TYR C 110 10.13 -10.98 15.85
CA TYR C 110 10.40 -12.02 16.86
C TYR C 110 9.07 -12.67 17.21
N GLN C 111 8.85 -13.86 16.67
CA GLN C 111 7.59 -14.57 16.81
C GLN C 111 7.83 -16.01 17.22
N CYS C 112 6.82 -16.61 17.84
CA CYS C 112 6.88 -17.99 18.31
C CYS C 112 5.70 -18.78 17.73
N PRO C 113 5.70 -19.01 16.41
CA PRO C 113 4.60 -19.78 15.82
C PRO C 113 4.69 -21.25 16.21
N ALA C 114 3.59 -21.77 16.77
CA ALA C 114 3.60 -23.14 17.26
C ALA C 114 3.93 -24.15 16.17
N GLY C 115 3.61 -23.84 14.91
CA GLY C 115 3.86 -24.76 13.82
C GLY C 115 5.11 -24.41 13.05
N GLY C 116 5.98 -23.60 13.64
CA GLY C 116 7.18 -23.16 12.95
C GLY C 116 8.37 -22.95 13.86
N MET C 117 8.41 -23.63 15.00
CA MET C 117 9.57 -23.57 15.89
C MET C 117 10.60 -24.61 15.45
N ASP C 118 11.82 -24.15 15.17
CA ASP C 118 12.84 -25.04 14.63
C ASP C 118 13.43 -25.98 15.67
N TYR C 119 13.39 -25.61 16.95
CA TYR C 119 14.01 -26.40 18.01
C TYR C 119 13.06 -26.50 19.18
N TRP C 120 12.94 -27.71 19.73
CA TRP C 120 12.02 -28.00 20.83
C TRP C 120 12.74 -28.69 21.97
N GLY C 121 12.27 -28.44 23.19
CA GLY C 121 12.67 -29.21 24.34
C GLY C 121 11.78 -30.42 24.51
N GLN C 122 12.14 -31.25 25.50
CA GLN C 122 11.38 -32.46 25.77
C GLN C 122 10.19 -32.23 26.68
N GLY C 123 10.17 -31.14 27.42
CA GLY C 123 9.02 -30.76 28.23
C GLY C 123 9.27 -30.97 29.71
N THR C 124 8.37 -30.38 30.50
CA THR C 124 8.37 -30.54 31.94
C THR C 124 6.93 -30.49 32.43
N GLN C 125 6.54 -31.46 33.24
CA GLN C 125 5.15 -31.60 33.63
C GLN C 125 4.78 -30.60 34.71
N VAL C 126 3.64 -29.94 34.53
CA VAL C 126 3.07 -29.03 35.51
C VAL C 126 1.67 -29.53 35.85
N THR C 127 1.44 -29.82 37.13
CA THR C 127 0.16 -30.35 37.60
C THR C 127 -0.38 -29.42 38.67
N VAL C 128 -1.57 -28.88 38.44
CA VAL C 128 -2.25 -28.03 39.39
C VAL C 128 -3.49 -28.78 39.89
N SER C 129 -3.42 -29.26 41.12
CA SER C 129 -4.54 -29.99 41.72
C SER C 129 -4.51 -29.77 43.23
N SER C 130 -5.65 -30.01 43.86
CA SER C 130 -5.77 -29.83 45.30
C SER C 130 -5.74 -31.17 46.02
N GLN D 1 -10.71 39.72 -16.84
CA GLN D 1 -11.85 40.37 -16.18
C GLN D 1 -11.62 40.55 -14.68
N VAL D 2 -11.29 39.46 -13.97
CA VAL D 2 -11.15 39.52 -12.52
C VAL D 2 -9.76 40.07 -12.16
N GLN D 3 -9.73 40.95 -11.15
CA GLN D 3 -8.46 41.44 -10.64
C GLN D 3 -8.67 41.89 -9.19
N LEU D 4 -7.73 41.51 -8.32
CA LEU D 4 -7.66 42.00 -6.95
C LEU D 4 -6.39 42.82 -6.80
N GLN D 5 -6.51 44.03 -6.25
CA GLN D 5 -5.38 44.92 -6.11
C GLN D 5 -5.28 45.40 -4.67
N GLU D 6 -4.18 45.08 -4.01
CA GLU D 6 -3.95 45.56 -2.65
C GLU D 6 -3.44 47.00 -2.68
N SER D 7 -3.82 47.74 -1.65
CA SER D 7 -3.23 49.04 -1.38
C SER D 7 -3.05 49.17 0.13
N GLY D 8 -2.25 50.16 0.53
CA GLY D 8 -1.90 50.31 1.93
C GLY D 8 -0.66 49.54 2.30
N GLY D 9 -0.27 49.68 3.56
CA GLY D 9 0.91 49.04 4.10
C GLY D 9 2.01 50.04 4.36
N GLY D 10 3.21 49.50 4.60
CA GLY D 10 4.39 50.31 4.83
C GLY D 10 5.01 50.02 6.19
N LEU D 11 5.68 51.03 6.74
CA LEU D 11 6.49 50.89 7.95
C LEU D 11 5.81 51.60 9.11
N VAL D 12 5.65 50.89 10.23
CA VAL D 12 5.09 51.45 11.45
C VAL D 12 5.91 50.95 12.63
N GLN D 13 5.89 51.74 13.70
CA GLN D 13 6.50 51.30 14.95
C GLN D 13 5.56 50.31 15.66
N PRO D 14 6.10 49.49 16.56
CA PRO D 14 5.23 48.60 17.34
C PRO D 14 4.16 49.40 18.07
N GLY D 15 2.96 48.82 18.12
CA GLY D 15 1.81 49.51 18.67
C GLY D 15 1.08 50.38 17.66
N GLY D 16 1.67 50.65 16.51
CA GLY D 16 1.01 51.42 15.48
C GLY D 16 -0.11 50.64 14.83
N SER D 17 -0.70 51.24 13.81
CA SER D 17 -1.81 50.63 13.11
C SER D 17 -1.70 50.88 11.61
N LEU D 18 -2.38 50.03 10.86
CA LEU D 18 -2.45 50.11 9.40
C LEU D 18 -3.85 49.72 8.95
N ARG D 19 -4.20 50.19 7.76
CA ARG D 19 -5.46 49.77 7.11
C ARG D 19 -5.11 49.33 5.69
N LEU D 20 -5.25 48.04 5.42
CA LEU D 20 -5.06 47.53 4.07
C LEU D 20 -6.38 47.53 3.32
N SER D 21 -6.29 47.74 2.00
CA SER D 21 -7.45 47.72 1.13
C SER D 21 -7.23 46.72 0.00
N CYS D 22 -8.32 46.09 -0.44
CA CYS D 22 -8.28 45.15 -1.56
C CYS D 22 -9.41 45.51 -2.52
N ALA D 23 -9.05 46.10 -3.66
CA ALA D 23 -10.04 46.45 -4.67
C ALA D 23 -10.37 45.22 -5.50
N VAL D 24 -11.62 44.80 -5.46
CA VAL D 24 -12.10 43.65 -6.23
C VAL D 24 -12.86 44.18 -7.43
N SER D 25 -12.35 43.93 -8.63
CA SER D 25 -12.99 44.34 -9.87
C SER D 25 -13.17 43.13 -10.78
N GLY D 26 -14.21 43.19 -11.61
CA GLY D 26 -14.50 42.12 -12.54
C GLY D 26 -15.09 40.87 -11.93
N PHE D 27 -15.42 40.90 -10.64
CA PHE D 27 -15.92 39.70 -9.97
C PHE D 27 -17.39 39.47 -10.30
N THR D 28 -17.72 38.24 -10.68
CA THR D 28 -19.09 37.88 -11.04
C THR D 28 -19.63 36.67 -10.30
N LEU D 29 -18.85 36.06 -9.40
CA LEU D 29 -19.34 34.89 -8.68
C LEU D 29 -20.48 35.30 -7.75
N ASP D 30 -21.53 34.46 -7.71
CA ASP D 30 -22.67 34.74 -6.84
C ASP D 30 -22.27 34.71 -5.37
N TYR D 31 -21.48 33.71 -4.97
CA TYR D 31 -21.14 33.48 -3.58
C TYR D 31 -19.67 33.16 -3.47
N TYR D 32 -18.96 33.91 -2.63
CA TYR D 32 -17.52 33.77 -2.54
C TYR D 32 -17.03 34.22 -1.17
N ALA D 33 -15.79 33.90 -0.88
CA ALA D 33 -15.10 34.38 0.30
C ALA D 33 -13.89 35.20 -0.14
N ILE D 34 -13.59 36.24 0.63
CA ILE D 34 -12.41 37.06 0.40
C ILE D 34 -11.58 37.02 1.67
N GLY D 35 -10.29 36.77 1.53
CA GLY D 35 -9.41 36.57 2.67
C GLY D 35 -8.15 37.40 2.55
N TRP D 36 -7.61 37.75 3.72
CA TRP D 36 -6.30 38.35 3.82
C TRP D 36 -5.31 37.30 4.28
N PHE D 37 -4.17 37.23 3.61
CA PHE D 37 -3.11 36.28 3.90
C PHE D 37 -1.81 37.06 4.08
N ARG D 38 -0.82 36.40 4.69
CA ARG D 38 0.47 37.04 4.87
C ARG D 38 1.56 35.98 4.79
N GLN D 39 2.73 36.39 4.31
CA GLN D 39 3.88 35.51 4.15
C GLN D 39 5.10 36.20 4.73
N ALA D 40 5.57 35.72 5.88
CA ALA D 40 6.79 36.20 6.49
C ALA D 40 8.00 35.56 5.81
N PRO D 41 9.16 36.21 5.89
CA PRO D 41 10.35 35.67 5.21
C PRO D 41 10.68 34.25 5.65
N GLY D 42 10.92 33.37 4.67
CA GLY D 42 11.24 31.99 4.93
C GLY D 42 10.08 31.11 5.33
N LYS D 43 8.93 31.68 5.67
CA LYS D 43 7.79 30.92 6.16
C LYS D 43 6.74 30.73 5.08
N GLU D 44 5.76 29.89 5.37
CA GLU D 44 4.67 29.58 4.46
C GLU D 44 3.58 30.65 4.57
N ARG D 45 2.94 30.93 3.43
CA ARG D 45 1.86 31.90 3.42
C ARG D 45 0.66 31.37 4.22
N GLU D 46 0.21 32.15 5.19
CA GLU D 46 -0.85 31.72 6.09
C GLU D 46 -2.03 32.67 6.00
N GLY D 47 -3.21 32.16 6.34
CA GLY D 47 -4.39 32.98 6.37
C GLY D 47 -4.49 33.80 7.65
N VAL D 48 -5.03 35.00 7.51
CA VAL D 48 -5.15 35.95 8.62
C VAL D 48 -6.60 36.23 8.97
N SER D 49 -7.45 36.42 7.98
CA SER D 49 -8.88 36.66 8.22
C SER D 49 -9.65 36.38 6.94
N CYS D 50 -10.94 36.08 7.10
CA CYS D 50 -11.80 35.63 6.03
C CYS D 50 -13.19 36.23 6.21
N ILE D 51 -13.82 36.65 5.11
CA ILE D 51 -15.13 37.26 5.17
C ILE D 51 -16.02 36.68 4.07
N SER D 52 -17.31 36.54 4.37
CA SER D 52 -18.28 36.01 3.43
C SER D 52 -18.92 37.11 2.61
N SER D 53 -19.18 36.81 1.34
CA SER D 53 -19.80 37.79 0.45
C SER D 53 -21.30 37.93 0.69
N SER D 54 -21.95 36.93 1.30
CA SER D 54 -23.41 36.93 1.42
C SER D 54 -23.90 37.72 2.64
N ASP D 55 -23.27 37.55 3.81
CA ASP D 55 -23.73 38.26 5.00
C ASP D 55 -22.59 38.87 5.81
N GLY D 56 -21.37 38.89 5.30
CA GLY D 56 -20.28 39.54 5.99
C GLY D 56 -19.78 38.82 7.23
N SER D 57 -20.10 37.54 7.39
CA SER D 57 -19.53 36.75 8.48
C SER D 57 -18.01 36.72 8.36
N THR D 58 -17.34 36.71 9.52
CA THR D 58 -15.88 36.83 9.55
C THR D 58 -15.28 35.72 10.42
N SER D 59 -14.04 35.38 10.10
CA SER D 59 -13.22 34.51 10.93
C SER D 59 -11.80 35.02 10.90
N TYR D 60 -11.05 34.68 11.95
CA TYR D 60 -9.72 35.25 12.14
C TYR D 60 -8.74 34.19 12.64
N ALA D 61 -7.50 34.30 12.21
CA ALA D 61 -6.44 33.51 12.82
C ALA D 61 -6.30 33.91 14.28
N ASP D 62 -5.90 32.94 15.12
CA ASP D 62 -5.77 33.22 16.55
C ASP D 62 -4.73 34.29 16.82
N SER D 63 -3.66 34.35 16.01
CA SER D 63 -2.58 35.29 16.23
C SER D 63 -2.99 36.75 16.04
N VAL D 64 -4.09 37.00 15.34
CA VAL D 64 -4.56 38.36 15.06
C VAL D 64 -5.92 38.64 15.66
N LYS D 65 -6.57 37.64 16.26
CA LYS D 65 -7.91 37.83 16.81
C LYS D 65 -7.91 38.94 17.85
N GLY D 66 -8.85 39.87 17.71
CA GLY D 66 -8.93 41.03 18.57
C GLY D 66 -8.14 42.23 18.11
N ARG D 67 -7.10 42.03 17.30
CA ARG D 67 -6.32 43.15 16.77
C ARG D 67 -6.66 43.50 15.33
N PHE D 68 -7.01 42.52 14.51
CA PHE D 68 -7.31 42.74 13.10
C PHE D 68 -8.81 42.66 12.86
N THR D 69 -9.32 43.51 11.97
CA THR D 69 -10.72 43.51 11.59
C THR D 69 -10.83 43.50 10.08
N ILE D 70 -11.52 42.50 9.54
CA ILE D 70 -11.81 42.44 8.11
C ILE D 70 -13.23 42.93 7.89
N SER D 71 -13.44 43.65 6.79
CA SER D 71 -14.75 44.20 6.46
C SER D 71 -14.79 44.47 4.96
N ARG D 72 -16.01 44.58 4.43
CA ARG D 72 -16.21 44.76 3.01
C ARG D 72 -17.23 45.87 2.78
N ASP D 73 -16.93 46.74 1.82
CA ASP D 73 -17.86 47.77 1.34
C ASP D 73 -18.41 47.27 0.02
N ASN D 74 -19.63 46.70 0.06
CA ASN D 74 -20.21 46.11 -1.14
C ASN D 74 -20.38 47.14 -2.26
N ALA D 75 -20.59 48.41 -1.91
CA ALA D 75 -20.70 49.45 -2.92
C ALA D 75 -19.43 49.53 -3.78
N LYS D 76 -18.30 49.79 -3.14
CA LYS D 76 -17.02 49.83 -3.83
C LYS D 76 -16.45 48.44 -4.10
N ASN D 77 -17.11 47.38 -3.61
CA ASN D 77 -16.58 46.02 -3.65
C ASN D 77 -15.11 46.00 -3.23
N THR D 78 -14.83 46.66 -2.12
CA THR D 78 -13.50 46.72 -1.54
C THR D 78 -13.53 46.05 -0.17
N VAL D 79 -12.53 45.22 0.09
CA VAL D 79 -12.36 44.54 1.37
C VAL D 79 -11.21 45.18 2.12
N TYR D 80 -11.43 45.50 3.38
CA TYR D 80 -10.45 46.20 4.20
C TYR D 80 -9.93 45.29 5.32
N LEU D 81 -8.70 45.57 5.75
CA LEU D 81 -8.11 44.90 6.91
C LEU D 81 -7.56 45.98 7.84
N GLN D 82 -8.29 46.27 8.91
CA GLN D 82 -7.81 47.19 9.93
C GLN D 82 -6.89 46.44 10.87
N MET D 83 -5.63 46.85 10.96
CA MET D 83 -4.60 46.15 11.73
C MET D 83 -4.17 47.04 12.89
N ASN D 84 -4.64 46.71 14.09
CA ASN D 84 -4.33 47.49 15.28
C ASN D 84 -3.29 46.77 16.14
N SER D 85 -2.64 47.55 17.01
CA SER D 85 -1.71 47.01 18.01
C SER D 85 -0.63 46.15 17.36
N LEU D 86 0.02 46.71 16.33
CA LEU D 86 0.93 45.92 15.52
C LEU D 86 2.17 45.52 16.31
N LYS D 87 2.66 44.31 16.05
CA LYS D 87 3.85 43.75 16.66
C LYS D 87 4.86 43.42 15.57
N PRO D 88 6.15 43.30 15.93
CA PRO D 88 7.14 42.91 14.92
C PRO D 88 6.82 41.63 14.19
N GLU D 89 6.20 40.65 14.87
CA GLU D 89 5.87 39.38 14.23
C GLU D 89 4.77 39.52 13.19
N ASP D 90 4.11 40.67 13.10
CA ASP D 90 3.16 40.92 12.03
C ASP D 90 3.82 41.34 10.72
N THR D 91 5.14 41.50 10.72
CA THR D 91 5.87 41.84 9.51
C THR D 91 5.79 40.70 8.50
N ALA D 92 5.28 41.04 7.32
CA ALA D 92 5.14 40.06 6.24
C ALA D 92 4.73 40.75 4.96
N LEU D 93 4.59 39.98 3.89
CA LEU D 93 4.02 40.51 2.65
C LEU D 93 2.54 40.11 2.74
N TYR D 94 1.63 41.04 2.55
CA TYR D 94 0.20 40.74 2.77
C TYR D 94 -0.56 40.64 1.46
N TYR D 95 -1.36 39.58 1.35
CA TYR D 95 -2.11 39.34 0.14
C TYR D 95 -3.59 39.27 0.45
N CYS D 96 -4.41 39.75 -0.47
CA CYS D 96 -5.83 39.42 -0.47
C CYS D 96 -6.11 38.42 -1.57
N ALA D 97 -7.13 37.59 -1.35
CA ALA D 97 -7.46 36.52 -2.28
C ALA D 97 -8.96 36.29 -2.23
N ALA D 98 -9.47 35.69 -3.30
CA ALA D 98 -10.89 35.41 -3.42
C ALA D 98 -11.07 34.00 -3.98
N THR D 99 -12.11 33.32 -3.52
CA THR D 99 -12.40 31.98 -3.99
C THR D 99 -13.90 31.75 -3.87
N PRO D 100 -14.48 30.93 -4.74
CA PRO D 100 -15.91 30.63 -4.62
C PRO D 100 -16.24 29.95 -3.31
N ALA D 101 -17.44 30.19 -2.81
CA ALA D 101 -17.98 29.39 -1.73
C ALA D 101 -18.17 27.96 -2.20
N THR D 102 -18.28 27.04 -1.24
CA THR D 102 -18.47 25.63 -1.55
C THR D 102 -19.90 25.22 -1.21
N TYR D 103 -20.57 24.62 -2.17
CA TYR D 103 -21.95 24.17 -2.00
C TYR D 103 -21.98 22.67 -1.82
N TYR D 104 -22.62 22.22 -0.75
CA TYR D 104 -22.77 20.78 -0.51
C TYR D 104 -24.04 20.56 0.32
N SER D 105 -24.90 19.65 -0.12
CA SER D 105 -26.10 19.27 0.66
C SER D 105 -26.92 20.48 1.09
N GLY D 106 -27.22 21.38 0.14
CA GLY D 106 -28.08 22.50 0.46
C GLY D 106 -27.43 23.63 1.23
N ARG D 107 -26.12 23.60 1.39
CA ARG D 107 -25.47 24.60 2.23
C ARG D 107 -24.20 25.13 1.58
N TYR D 108 -23.98 26.43 1.69
CA TYR D 108 -22.75 27.06 1.24
C TYR D 108 -21.80 27.22 2.43
N TYR D 109 -20.52 26.97 2.17
CA TYR D 109 -19.45 27.21 3.12
C TYR D 109 -18.54 28.29 2.57
N TYR D 110 -18.16 29.25 3.40
CA TYR D 110 -17.33 30.37 3.01
C TYR D 110 -15.97 30.21 3.70
N GLN D 111 -14.99 29.72 2.95
CA GLN D 111 -13.68 29.38 3.49
C GLN D 111 -12.59 30.05 2.67
N CYS D 112 -11.47 30.33 3.32
CA CYS D 112 -10.31 30.97 2.69
C CYS D 112 -9.11 30.05 2.78
N PRO D 113 -9.14 28.91 2.09
CA PRO D 113 -8.01 27.96 2.18
C PRO D 113 -6.80 28.48 1.43
N ALA D 114 -5.67 28.57 2.12
CA ALA D 114 -4.45 29.11 1.52
C ALA D 114 -4.08 28.39 0.24
N GLY D 115 -4.34 27.08 0.17
CA GLY D 115 -3.97 26.29 -0.99
C GLY D 115 -5.05 26.16 -2.04
N GLY D 116 -6.16 26.88 -1.92
CA GLY D 116 -7.21 26.78 -2.91
C GLY D 116 -7.91 28.09 -3.22
N MET D 117 -7.17 29.20 -3.22
CA MET D 117 -7.72 30.51 -3.57
C MET D 117 -7.57 30.74 -5.07
N ASP D 118 -8.69 30.88 -5.76
CA ASP D 118 -8.65 30.96 -7.23
C ASP D 118 -8.04 32.26 -7.72
N TYR D 119 -8.10 33.33 -6.93
CA TYR D 119 -7.66 34.65 -7.37
C TYR D 119 -6.82 35.31 -6.30
N TRP D 120 -5.66 35.85 -6.70
CA TRP D 120 -4.71 36.46 -5.78
C TRP D 120 -4.37 37.87 -6.22
N GLY D 121 -4.09 38.73 -5.24
CA GLY D 121 -3.53 40.05 -5.50
C GLY D 121 -2.01 39.99 -5.59
N GLN D 122 -1.42 41.18 -5.71
CA GLN D 122 0.02 41.29 -5.88
C GLN D 122 0.79 41.29 -4.58
N GLY D 123 0.14 41.61 -3.46
CA GLY D 123 0.82 41.65 -2.19
C GLY D 123 1.40 43.01 -1.86
N THR D 124 1.28 43.42 -0.61
CA THR D 124 1.84 44.70 -0.15
C THR D 124 2.60 44.47 1.15
N GLN D 125 3.78 45.07 1.25
CA GLN D 125 4.68 44.83 2.38
C GLN D 125 4.23 45.59 3.62
N VAL D 126 4.33 44.92 4.77
CA VAL D 126 4.03 45.51 6.07
C VAL D 126 5.24 45.24 6.96
N THR D 127 5.84 46.31 7.49
CA THR D 127 7.03 46.21 8.32
C THR D 127 6.77 46.91 9.65
N VAL D 128 6.91 46.17 10.75
CA VAL D 128 6.80 46.72 12.10
C VAL D 128 8.22 46.77 12.67
N SER D 129 8.63 47.97 13.08
CA SER D 129 10.05 48.33 13.12
C SER D 129 10.83 47.48 14.12
N SER D 130 10.29 47.30 15.33
CA SER D 130 11.01 46.69 16.45
C SER D 130 12.25 47.52 16.81
C1 NAG E . -21.03 10.79 -28.74
C2 NAG E . -20.56 9.56 -29.53
C3 NAG E . -20.14 9.94 -30.94
C4 NAG E . -21.25 10.71 -31.64
C5 NAG E . -21.60 11.93 -30.81
C6 NAG E . -22.73 12.76 -31.38
C7 NAG E . -19.50 7.61 -28.48
C8 NAG E . -18.27 7.10 -27.77
N2 NAG E . -19.46 8.90 -28.83
O3 NAG E . -19.83 8.76 -31.69
O4 NAG E . -20.87 11.08 -32.96
O5 NAG E . -22.02 11.51 -29.51
O6 NAG E . -23.99 12.19 -31.07
O7 NAG E . -20.45 6.88 -28.71
C1 NAG E . -21.87 10.53 -33.86
C2 NAG E . -22.00 11.43 -35.10
C3 NAG E . -23.04 10.87 -36.05
C4 NAG E . -22.73 9.42 -36.39
C5 NAG E . -22.53 8.60 -35.12
C6 NAG E . -22.08 7.18 -35.40
C7 NAG E . -21.45 13.76 -34.49
C8 NAG E . -21.98 15.10 -34.11
N2 NAG E . -22.35 12.80 -34.70
O3 NAG E . -23.09 11.66 -37.24
O4 NAG E . -23.78 8.85 -37.16
O5 NAG E . -21.53 9.20 -34.28
O6 NAG E . -21.27 6.68 -34.35
O7 NAG E . -20.24 13.55 -34.61
C1 FUC E . -24.82 12.21 -32.25
C2 FUC E . -25.74 10.96 -32.23
C3 FUC E . -26.74 11.06 -31.08
C4 FUC E . -27.55 12.35 -31.21
C5 FUC E . -26.60 13.56 -31.26
C6 FUC E . -27.31 14.87 -31.55
O2 FUC E . -25.00 9.75 -32.17
O3 FUC E . -27.64 9.96 -31.11
O4 FUC E . -28.34 12.31 -32.39
O5 FUC E . -25.59 13.41 -32.29
C1 NAG F . 26.78 -24.21 -14.42
C2 NAG F . 26.47 -24.95 -15.73
C3 NAG F . 27.25 -26.27 -15.79
C4 NAG F . 28.72 -26.05 -15.53
C5 NAG F . 28.92 -25.29 -14.22
C6 NAG F . 30.36 -24.92 -13.95
C7 NAG F . 24.28 -24.55 -16.76
C8 NAG F . 22.83 -24.92 -16.77
N2 NAG F . 25.05 -25.18 -15.86
O3 NAG F . 27.06 -26.85 -17.08
O4 NAG F . 29.40 -27.29 -15.45
O5 NAG F . 28.19 -24.05 -14.27
O6 NAG F . 30.64 -23.63 -14.45
O7 NAG F . 24.74 -23.72 -17.53
C1 FUC F . 32.03 -23.49 -14.80
C2 FUC F . 32.19 -23.78 -16.31
C3 FUC F . 31.40 -22.75 -17.14
C4 FUC F . 31.75 -21.30 -16.71
C5 FUC F . 31.68 -21.17 -15.17
C6 FUC F . 32.20 -19.84 -14.66
O2 FUC F . 31.84 -25.12 -16.68
O3 FUC F . 31.72 -22.88 -18.53
O4 FUC F . 33.05 -20.95 -17.17
O5 FUC F . 32.44 -22.20 -14.51
#